data_8ELO
#
_entry.id   8ELO
#
_cell.length_a   88.674
_cell.length_b   143.052
_cell.length_c   147.725
_cell.angle_alpha   90.000
_cell.angle_beta   90.000
_cell.angle_gamma   90.000
#
_symmetry.space_group_name_H-M   'C 2 2 21'
#
loop_
_entity.id
_entity.type
_entity.pdbx_description
1 polymer 'Spike protein S1'
2 polymer 'Nanobody Nb-C4-225'
3 polymer 'CC12.1 Fab heavy chain'
4 polymer 'CC12.1 Fab light chain'
5 non-polymer 2-acetamido-2-deoxy-beta-D-glucopyranose
#
loop_
_entity_poly.entity_id
_entity_poly.type
_entity_poly.pdbx_seq_one_letter_code
_entity_poly.pdbx_strand_id
1 'polypeptide(L)'
;TNLCPFGEVFNATRFASVYAWNRKRISNCVADYSVLYNSASFSTFKCYGVSPTKLNDLCFTNVYADSFVIRGDEVRQIAP
GQTGKIADYNYKLPDDFTGCVIAWNSNNLDSKVGGNYNYLYRLFRKSNLKPFERDISTEIYQAGSTPCNGVEGFNCYFPL
QSYGFQPTNGVGYQPYRVVVLSFELLHAPATVCGPKKSGHHHHHH
;
A
2 'polypeptide(L)'
;EVQLQESGGGLVQPGGSLRLSCAASGFTFSSYAMGWYRQAPGKEREWVCAISGSGGSTYYADSVKGRFTCSRDNSKNTLY
LQMNSLKPEDTAVYYCARGSFYYTYGGSVGFDAFDYWGQGTQVTVSSGSGHHHHHHHHHH
;
B
3 'polypeptide(L)'
;EVQLVESGGGLIQPGGSLRLSCAASGLTVSSNYMSWVRQAPGKGLEWVSVIYSGGSTFYADSVKGRFTISRDNSKNTLYL
QMNSLRAEDTAVYYCARDLDVYGLDVWGQGTTVTVSSASTKGPSVFPLAPSSKSTSGGTAALGCLVKDYFPEPVTVSWNS
GALTSGVHTFPAVLQSSGLYSLSSVVTVPSSSLGTQTYICNVNHKPSNTKVDKRVEPKSC
;
H
4 'polypeptide(L)'
;DIVMTQSPSFLSASVGDRVTITCRASQGISSYLAWYQQKPGKAPKLLIYAASTLQSGVPSRFSGSGSGTEFTLTISSLQP
EDFATYYCQQLNSYPPKFTFGPGTKVEIKRTVAAPSVFIFPPSDEQLKSGTASVVCLLNNFYPREAKVQWKVDNALQSGN
SQESVTEQDSKDSTYSLSSTLTLSKADYEKHKVYACEVTHQGLSSPVTKSFNRGECS
;
L
#
# COMPACT_ATOMS: atom_id res chain seq x y z
N ASN A 2 25.36 -28.44 -40.46
CA ASN A 2 25.75 -28.34 -39.05
C ASN A 2 24.54 -28.20 -38.15
N LEU A 3 24.66 -28.70 -36.93
CA LEU A 3 23.60 -28.57 -35.94
C LEU A 3 23.53 -27.14 -35.41
N CYS A 4 22.32 -26.69 -35.09
CA CYS A 4 22.14 -25.31 -34.68
C CYS A 4 22.72 -25.07 -33.28
N PRO A 5 23.36 -23.92 -33.05
CA PRO A 5 24.07 -23.65 -31.79
C PRO A 5 23.14 -23.28 -30.64
N PHE A 6 22.26 -24.20 -30.26
CA PHE A 6 21.32 -23.92 -29.18
C PHE A 6 21.86 -24.32 -27.80
N GLY A 7 22.61 -25.41 -27.73
CA GLY A 7 23.20 -25.80 -26.46
C GLY A 7 24.20 -24.78 -25.94
N GLU A 8 24.91 -24.11 -26.84
CA GLU A 8 25.89 -23.10 -26.45
C GLU A 8 25.25 -21.86 -25.82
N VAL A 9 23.93 -21.72 -25.89
CA VAL A 9 23.23 -20.63 -25.23
C VAL A 9 22.61 -21.07 -23.91
N PHE A 10 22.04 -22.28 -23.87
CA PHE A 10 21.37 -22.76 -22.66
C PHE A 10 22.36 -23.34 -21.66
N ASN A 11 23.27 -24.19 -22.12
CA ASN A 11 24.29 -24.79 -21.27
C ASN A 11 25.45 -23.83 -20.99
N ALA A 12 25.28 -22.54 -21.27
CA ALA A 12 26.37 -21.59 -21.12
C ALA A 12 26.80 -21.48 -19.66
N THR A 13 28.11 -21.35 -19.46
CA THR A 13 28.65 -21.29 -18.10
C THR A 13 28.16 -20.05 -17.35
N ARG A 14 28.31 -18.88 -17.96
CA ARG A 14 27.93 -17.62 -17.35
C ARG A 14 26.97 -16.87 -18.27
N PHE A 15 25.91 -16.33 -17.67
CA PHE A 15 24.91 -15.56 -18.40
C PHE A 15 25.17 -14.07 -18.26
N ALA A 16 24.56 -13.30 -19.16
CA ALA A 16 24.78 -11.86 -19.22
C ALA A 16 23.78 -11.11 -18.33
N SER A 17 24.11 -9.86 -18.06
CA SER A 17 23.19 -8.98 -17.34
C SER A 17 22.08 -8.52 -18.27
N VAL A 18 20.93 -8.19 -17.67
CA VAL A 18 19.76 -7.85 -18.48
C VAL A 18 19.98 -6.54 -19.24
N TYR A 19 20.69 -5.58 -18.64
CA TYR A 19 20.97 -4.34 -19.36
C TYR A 19 21.92 -4.58 -20.54
N ALA A 20 22.77 -5.60 -20.44
CA ALA A 20 23.69 -5.95 -21.51
C ALA A 20 23.36 -7.33 -22.05
N TRP A 21 22.07 -7.59 -22.29
CA TRP A 21 21.62 -8.91 -22.68
C TRP A 21 22.34 -9.40 -23.94
N ASN A 22 22.70 -10.68 -23.96
CA ASN A 22 23.50 -11.23 -25.04
C ASN A 22 22.61 -11.70 -26.18
N ARG A 23 23.06 -11.49 -27.41
CA ARG A 23 22.35 -11.93 -28.60
C ARG A 23 23.27 -12.78 -29.45
N LYS A 24 22.78 -13.94 -29.88
CA LYS A 24 23.50 -14.83 -30.79
C LYS A 24 22.66 -15.05 -32.04
N ARG A 25 23.30 -14.96 -33.20
CA ARG A 25 22.64 -15.08 -34.50
C ARG A 25 22.75 -16.52 -34.97
N ILE A 26 21.64 -17.23 -34.98
CA ILE A 26 21.56 -18.62 -35.42
C ILE A 26 21.30 -18.61 -36.92
N SER A 27 22.25 -19.17 -37.68
CA SER A 27 22.17 -19.20 -39.13
C SER A 27 22.94 -20.39 -39.68
N ASN A 28 22.58 -20.79 -40.90
CA ASN A 28 23.29 -21.83 -41.65
C ASN A 28 23.36 -23.14 -40.87
N CYS A 29 22.22 -23.56 -40.32
CA CYS A 29 22.17 -24.79 -39.54
C CYS A 29 20.76 -25.35 -39.55
N VAL A 30 20.65 -26.61 -39.15
CA VAL A 30 19.37 -27.29 -38.96
C VAL A 30 19.07 -27.34 -37.48
N ALA A 31 17.85 -26.98 -37.10
CA ALA A 31 17.46 -26.83 -35.71
C ALA A 31 16.59 -27.98 -35.27
N ASP A 32 16.89 -28.53 -34.09
CA ASP A 32 16.09 -29.56 -33.45
C ASP A 32 15.60 -28.98 -32.12
N TYR A 33 14.39 -28.42 -32.14
CA TYR A 33 13.82 -27.82 -30.94
C TYR A 33 13.38 -28.86 -29.92
N SER A 34 13.61 -30.15 -30.18
CA SER A 34 13.18 -31.19 -29.24
C SER A 34 14.02 -31.20 -27.98
N VAL A 35 15.25 -30.70 -28.05
CA VAL A 35 16.07 -30.57 -26.86
C VAL A 35 15.47 -29.59 -25.86
N LEU A 36 14.40 -28.91 -26.24
CA LEU A 36 13.83 -27.84 -25.43
C LEU A 36 12.47 -28.19 -24.84
N TYR A 37 11.47 -28.53 -25.67
CA TYR A 37 10.14 -28.69 -25.11
C TYR A 37 10.01 -29.93 -24.25
N ASN A 38 10.91 -30.90 -24.39
CA ASN A 38 11.00 -32.03 -23.46
C ASN A 38 12.15 -31.80 -22.48
N SER A 39 11.99 -30.78 -21.65
CA SER A 39 12.94 -30.52 -20.57
C SER A 39 12.19 -29.91 -19.39
N ALA A 40 12.54 -30.36 -18.19
CA ALA A 40 11.84 -29.96 -16.98
C ALA A 40 12.58 -28.90 -16.18
N SER A 41 13.78 -28.50 -16.62
CA SER A 41 14.46 -27.38 -15.96
C SER A 41 13.65 -26.10 -16.09
N PHE A 42 12.88 -25.97 -17.17
CA PHE A 42 12.20 -24.73 -17.49
C PHE A 42 10.95 -24.55 -16.64
N SER A 43 10.79 -23.34 -16.09
CA SER A 43 9.55 -22.95 -15.41
C SER A 43 8.63 -22.14 -16.31
N THR A 44 9.16 -21.50 -17.35
CA THR A 44 8.35 -20.75 -18.30
C THR A 44 8.76 -21.16 -19.71
N PHE A 45 7.81 -21.66 -20.49
CA PHE A 45 8.03 -21.96 -21.91
C PHE A 45 6.80 -21.45 -22.67
N LYS A 46 6.85 -20.18 -23.07
CA LYS A 46 5.70 -19.51 -23.68
C LYS A 46 6.08 -19.06 -25.09
N CYS A 47 5.34 -19.55 -26.09
CA CYS A 47 5.62 -19.24 -27.48
C CYS A 47 4.49 -18.39 -28.07
N TYR A 48 4.85 -17.33 -28.77
CA TYR A 48 3.92 -16.38 -29.37
C TYR A 48 4.10 -16.41 -30.88
N GLY A 49 2.98 -16.50 -31.60
CA GLY A 49 3.01 -16.47 -33.05
C GLY A 49 3.40 -17.77 -33.72
N VAL A 50 3.64 -18.83 -32.96
CA VAL A 50 4.05 -20.12 -33.52
C VAL A 50 3.81 -21.19 -32.46
N SER A 51 3.67 -22.43 -32.91
CA SER A 51 3.55 -23.53 -31.98
C SER A 51 4.90 -24.23 -31.82
N PRO A 52 5.29 -24.60 -30.60
CA PRO A 52 6.54 -25.33 -30.42
C PRO A 52 6.56 -26.66 -31.17
N THR A 53 5.41 -27.32 -31.30
CA THR A 53 5.37 -28.59 -32.01
C THR A 53 5.58 -28.42 -33.50
N LYS A 54 5.18 -27.29 -34.07
CA LYS A 54 5.34 -27.04 -35.50
C LYS A 54 6.70 -26.46 -35.86
N LEU A 55 7.55 -26.18 -34.87
CA LEU A 55 8.84 -25.56 -35.16
C LEU A 55 9.74 -26.48 -35.99
N ASN A 56 9.64 -27.79 -35.78
CA ASN A 56 10.51 -28.72 -36.49
C ASN A 56 10.24 -28.73 -37.99
N ASP A 57 9.00 -28.50 -38.39
CA ASP A 57 8.61 -28.51 -39.80
C ASP A 57 8.58 -27.10 -40.40
N LEU A 58 9.13 -26.12 -39.71
CA LEU A 58 9.14 -24.74 -40.18
C LEU A 58 10.57 -24.28 -40.42
N CYS A 59 10.73 -23.37 -41.37
CA CYS A 59 12.03 -22.81 -41.72
C CYS A 59 12.00 -21.30 -41.60
N PHE A 60 13.07 -20.74 -41.06
CA PHE A 60 13.21 -19.29 -40.90
C PHE A 60 14.54 -18.85 -41.47
N THR A 61 14.57 -17.62 -41.99
CA THR A 61 15.82 -17.10 -42.55
C THR A 61 16.88 -16.93 -41.47
N ASN A 62 16.50 -16.48 -40.28
CA ASN A 62 17.47 -16.39 -39.19
C ASN A 62 16.76 -16.60 -37.87
N VAL A 63 17.56 -16.94 -36.85
CA VAL A 63 17.05 -17.03 -35.49
C VAL A 63 17.93 -16.15 -34.62
N TYR A 64 17.34 -15.56 -33.59
CA TYR A 64 18.07 -14.72 -32.64
C TYR A 64 17.83 -15.24 -31.24
N ALA A 65 18.88 -15.68 -30.56
CA ALA A 65 18.79 -16.20 -29.21
C ALA A 65 19.38 -15.17 -28.26
N ASP A 66 18.53 -14.58 -27.42
CA ASP A 66 18.94 -13.59 -26.45
C ASP A 66 18.91 -14.20 -25.05
N SER A 67 19.94 -13.94 -24.29
CA SER A 67 20.11 -14.54 -22.96
C SER A 67 20.38 -13.45 -21.93
N PHE A 68 19.77 -13.61 -20.76
CA PHE A 68 20.05 -12.73 -19.62
C PHE A 68 19.58 -13.41 -18.34
N VAL A 69 19.78 -12.74 -17.22
CA VAL A 69 19.37 -13.21 -15.90
C VAL A 69 18.57 -12.11 -15.23
N ILE A 70 17.40 -12.47 -14.69
CA ILE A 70 16.54 -11.51 -14.00
C ILE A 70 16.02 -12.14 -12.71
N ARG A 71 15.12 -11.43 -12.02
CA ARG A 71 14.44 -11.99 -10.87
C ARG A 71 13.20 -12.76 -11.33
N GLY A 72 12.76 -13.69 -10.48
CA GLY A 72 11.56 -14.46 -10.78
C GLY A 72 10.33 -13.57 -10.90
N ASP A 73 10.16 -12.66 -9.94
CA ASP A 73 9.04 -11.72 -9.95
C ASP A 73 9.03 -10.84 -11.20
N GLU A 74 10.12 -10.83 -11.97
CA GLU A 74 10.22 -10.03 -13.18
C GLU A 74 10.11 -10.85 -14.46
N VAL A 75 10.06 -12.18 -14.37
CA VAL A 75 9.98 -13.00 -15.57
C VAL A 75 8.68 -12.73 -16.32
N ARG A 76 7.62 -12.36 -15.60
CA ARG A 76 6.37 -11.99 -16.25
C ARG A 76 6.54 -10.80 -17.19
N GLN A 77 7.53 -9.93 -16.92
CA GLN A 77 7.74 -8.77 -17.76
C GLN A 77 8.30 -9.12 -19.13
N ILE A 78 8.85 -10.32 -19.30
CA ILE A 78 9.37 -10.75 -20.60
C ILE A 78 8.20 -11.36 -21.35
N ALA A 79 7.41 -10.48 -21.96
CA ALA A 79 6.18 -10.83 -22.68
C ALA A 79 5.68 -9.60 -23.41
N PRO A 80 4.97 -9.76 -24.52
CA PRO A 80 4.46 -8.59 -25.25
C PRO A 80 3.51 -7.77 -24.38
N GLY A 81 3.59 -6.45 -24.54
CA GLY A 81 2.71 -5.54 -23.83
C GLY A 81 2.84 -5.57 -22.32
N GLN A 82 4.06 -5.50 -21.82
CA GLN A 82 4.32 -5.54 -20.38
C GLN A 82 5.11 -4.30 -19.96
N THR A 83 4.95 -3.94 -18.69
CA THR A 83 5.62 -2.78 -18.12
C THR A 83 6.38 -3.19 -16.87
N GLY A 84 7.28 -2.31 -16.43
CA GLY A 84 8.14 -2.59 -15.29
C GLY A 84 9.56 -2.15 -15.58
N LYS A 85 10.45 -2.23 -14.58
CA LYS A 85 11.82 -1.79 -14.79
C LYS A 85 12.50 -2.59 -15.90
N ILE A 86 12.33 -3.92 -15.88
CA ILE A 86 12.97 -4.76 -16.89
C ILE A 86 12.41 -4.49 -18.27
N ALA A 87 11.08 -4.44 -18.39
CA ALA A 87 10.46 -4.28 -19.69
C ALA A 87 10.66 -2.87 -20.25
N ASP A 88 10.79 -1.87 -19.39
CA ASP A 88 10.87 -0.49 -19.85
C ASP A 88 12.30 0.00 -20.04
N TYR A 89 13.25 -0.46 -19.23
CA TYR A 89 14.60 0.07 -19.28
C TYR A 89 15.68 -0.96 -19.55
N ASN A 90 15.35 -2.26 -19.57
CA ASN A 90 16.35 -3.29 -19.76
C ASN A 90 16.13 -4.13 -21.01
N TYR A 91 14.95 -4.72 -21.17
CA TYR A 91 14.68 -5.59 -22.31
C TYR A 91 13.21 -5.50 -22.65
N LYS A 92 12.90 -4.97 -23.84
CA LYS A 92 11.54 -4.77 -24.29
C LYS A 92 11.22 -5.68 -25.46
N LEU A 93 10.15 -6.47 -25.31
CA LEU A 93 9.69 -7.30 -26.43
C LEU A 93 8.61 -6.56 -27.22
N PRO A 94 8.60 -6.69 -28.55
CA PRO A 94 7.58 -6.03 -29.34
C PRO A 94 6.21 -6.65 -29.11
N ASP A 95 5.17 -5.84 -29.36
CA ASP A 95 3.80 -6.31 -29.18
C ASP A 95 3.48 -7.43 -30.17
N ASP A 96 3.98 -7.32 -31.41
CA ASP A 96 3.80 -8.37 -32.41
C ASP A 96 5.01 -9.32 -32.41
N PHE A 97 5.29 -9.88 -31.24
CA PHE A 97 6.45 -10.75 -31.07
C PHE A 97 6.17 -12.13 -31.64
N THR A 98 7.14 -12.65 -32.40
CA THR A 98 7.08 -14.00 -32.95
C THR A 98 8.29 -14.76 -32.42
N GLY A 99 8.06 -15.63 -31.45
CA GLY A 99 9.14 -16.38 -30.85
C GLY A 99 8.75 -16.91 -29.49
N CYS A 100 9.72 -17.55 -28.85
CA CYS A 100 9.48 -18.22 -27.58
C CYS A 100 10.30 -17.59 -26.47
N VAL A 101 9.77 -17.66 -25.25
CA VAL A 101 10.45 -17.21 -24.04
C VAL A 101 10.57 -18.41 -23.12
N ILE A 102 11.80 -18.73 -22.73
CA ILE A 102 12.10 -19.87 -21.87
C ILE A 102 12.88 -19.36 -20.66
N ALA A 103 12.40 -19.72 -19.47
CA ALA A 103 13.00 -19.22 -18.24
C ALA A 103 13.05 -20.33 -17.21
N TRP A 104 14.20 -20.47 -16.54
CA TRP A 104 14.38 -21.49 -15.52
C TRP A 104 15.10 -20.89 -14.31
N ASN A 105 14.97 -21.56 -13.18
CA ASN A 105 15.56 -21.10 -11.93
C ASN A 105 17.05 -21.41 -11.90
N SER A 106 17.83 -20.46 -11.39
CA SER A 106 19.28 -20.55 -11.36
C SER A 106 19.83 -20.19 -9.98
N ASN A 107 19.09 -20.55 -8.93
CA ASN A 107 19.56 -20.29 -7.58
C ASN A 107 20.78 -21.12 -7.22
N ASN A 108 21.02 -22.22 -7.93
CA ASN A 108 22.22 -23.03 -7.73
C ASN A 108 23.43 -22.51 -8.49
N LEU A 109 23.23 -21.58 -9.41
CA LEU A 109 24.29 -21.11 -10.29
C LEU A 109 24.64 -19.64 -10.09
N ASP A 110 23.64 -18.77 -9.95
CA ASP A 110 23.85 -17.33 -9.92
C ASP A 110 23.64 -16.73 -8.54
N SER A 111 23.64 -17.56 -7.50
CA SER A 111 23.52 -17.10 -6.13
C SER A 111 24.82 -17.33 -5.37
N LYS A 112 25.07 -16.47 -4.39
CA LYS A 112 26.26 -16.58 -3.56
C LYS A 112 25.88 -16.34 -2.11
N VAL A 113 26.65 -16.95 -1.21
CA VAL A 113 26.32 -16.88 0.22
C VAL A 113 26.33 -15.44 0.71
N GLY A 114 27.32 -14.66 0.30
CA GLY A 114 27.32 -13.24 0.59
C GLY A 114 26.52 -12.40 -0.37
N GLY A 115 26.04 -12.99 -1.47
CA GLY A 115 25.29 -12.26 -2.46
C GLY A 115 26.06 -12.03 -3.74
N ASN A 116 25.55 -12.58 -4.85
CA ASN A 116 26.18 -12.39 -6.16
C ASN A 116 25.81 -11.01 -6.68
N TYR A 117 26.78 -10.11 -6.73
CA TYR A 117 26.54 -8.73 -7.13
C TYR A 117 27.05 -8.43 -8.54
N ASN A 118 27.28 -9.47 -9.34
CA ASN A 118 27.76 -9.25 -10.71
C ASN A 118 26.63 -8.97 -11.68
N TYR A 119 25.42 -9.47 -11.41
CA TYR A 119 24.29 -9.26 -12.30
C TYR A 119 23.65 -7.92 -12.00
N LEU A 120 23.53 -7.08 -13.04
CA LEU A 120 23.05 -5.72 -12.89
C LEU A 120 21.86 -5.46 -13.81
N TYR A 121 21.01 -4.52 -13.38
CA TYR A 121 19.86 -4.08 -14.15
C TYR A 121 19.82 -2.55 -14.15
N ARG A 122 19.35 -1.99 -15.25
CA ARG A 122 19.23 -0.53 -15.33
C ARG A 122 18.07 -0.05 -14.47
N LEU A 123 18.35 0.88 -13.57
CA LEU A 123 17.36 1.42 -12.65
C LEU A 123 16.77 2.74 -13.13
N PHE A 124 17.60 3.66 -13.60
CA PHE A 124 17.16 5.00 -13.98
C PHE A 124 17.34 5.20 -15.48
N ARG A 125 16.24 5.54 -16.15
CA ARG A 125 16.27 5.89 -17.57
C ARG A 125 15.15 6.88 -17.84
N LYS A 126 15.44 7.89 -18.66
CA LYS A 126 14.47 8.95 -18.89
C LYS A 126 13.28 8.47 -19.71
N SER A 127 13.51 7.60 -20.69
CA SER A 127 12.47 7.14 -21.59
C SER A 127 12.44 5.62 -21.63
N ASN A 128 11.29 5.10 -22.06
CA ASN A 128 11.13 3.65 -22.18
C ASN A 128 11.98 3.12 -23.34
N LEU A 129 12.31 1.83 -23.24
CA LEU A 129 13.13 1.18 -24.26
C LEU A 129 12.29 0.80 -25.47
N LYS A 130 12.79 1.09 -26.66
CA LYS A 130 12.20 0.55 -27.86
C LYS A 130 12.43 -0.95 -27.91
N PRO A 131 11.57 -1.71 -28.59
CA PRO A 131 11.73 -3.17 -28.62
C PRO A 131 13.10 -3.57 -29.15
N PHE A 132 13.70 -4.57 -28.48
CA PHE A 132 15.01 -5.11 -28.85
C PHE A 132 16.11 -4.05 -28.83
N GLU A 133 16.01 -3.09 -27.91
CA GLU A 133 17.05 -2.08 -27.72
C GLU A 133 17.94 -2.48 -26.55
N ARG A 134 19.24 -2.24 -26.70
CA ARG A 134 20.22 -2.58 -25.69
C ARG A 134 20.98 -1.31 -25.30
N ASP A 135 20.76 -0.85 -24.08
CA ASP A 135 21.40 0.35 -23.56
C ASP A 135 22.49 -0.05 -22.58
N ILE A 136 23.74 0.26 -22.91
CA ILE A 136 24.87 -0.07 -22.07
C ILE A 136 25.51 1.19 -21.48
N SER A 137 24.76 2.29 -21.44
CA SER A 137 25.31 3.55 -20.95
C SER A 137 25.49 3.52 -19.44
N THR A 138 26.65 3.98 -18.98
CA THR A 138 26.93 4.15 -17.56
C THR A 138 26.92 5.62 -17.15
N GLU A 139 26.33 6.48 -17.97
CA GLU A 139 26.28 7.91 -17.68
C GLU A 139 25.45 8.16 -16.42
N ILE A 140 25.92 9.11 -15.60
CA ILE A 140 25.21 9.45 -14.38
C ILE A 140 23.83 10.00 -14.71
N TYR A 141 22.82 9.51 -14.02
CA TYR A 141 21.45 9.91 -14.27
C TYR A 141 21.15 11.22 -13.55
N GLN A 142 20.54 12.17 -14.28
CA GLN A 142 20.21 13.48 -13.75
C GLN A 142 18.75 13.47 -13.30
N ALA A 143 18.53 13.40 -11.99
CA ALA A 143 17.19 13.39 -11.42
C ALA A 143 16.65 14.78 -11.14
N GLY A 144 17.45 15.82 -11.35
CA GLY A 144 17.01 17.18 -11.15
C GLY A 144 17.43 18.10 -12.28
N SER A 145 17.34 19.42 -12.07
CA SER A 145 17.76 20.38 -13.06
C SER A 145 19.25 20.70 -12.99
N THR A 146 19.93 20.31 -11.92
CA THR A 146 21.36 20.58 -11.78
C THR A 146 22.16 19.55 -12.56
N PRO A 147 23.08 19.97 -13.42
CA PRO A 147 23.89 19.01 -14.17
C PRO A 147 24.81 18.22 -13.24
N CYS A 148 25.04 16.96 -13.61
CA CYS A 148 25.80 16.06 -12.73
C CYS A 148 27.31 16.20 -12.92
N ASN A 149 27.76 16.49 -14.14
CA ASN A 149 29.19 16.61 -14.45
C ASN A 149 29.95 15.34 -14.13
N GLY A 150 29.28 14.19 -14.21
CA GLY A 150 29.93 12.91 -14.05
C GLY A 150 30.26 12.49 -12.63
N VAL A 151 29.74 13.19 -11.63
CA VAL A 151 29.97 12.85 -10.24
C VAL A 151 28.65 12.46 -9.60
N GLU A 152 28.68 11.40 -8.78
CA GLU A 152 27.49 10.93 -8.09
C GLU A 152 27.15 11.83 -6.93
N GLY A 153 25.90 11.73 -6.47
CA GLY A 153 25.43 12.54 -5.37
C GLY A 153 23.91 12.64 -5.41
N PHE A 154 23.41 13.69 -4.75
CA PHE A 154 21.98 13.94 -4.76
C PHE A 154 21.51 14.28 -6.16
N ASN A 155 20.42 13.64 -6.59
CA ASN A 155 19.88 13.78 -7.94
C ASN A 155 20.89 13.39 -9.02
N CYS A 156 21.92 12.63 -8.65
CA CYS A 156 22.97 12.20 -9.57
C CYS A 156 23.34 10.78 -9.20
N TYR A 157 22.72 9.82 -9.86
CA TYR A 157 22.81 8.41 -9.48
C TYR A 157 23.35 7.58 -10.62
N PHE A 158 24.15 6.58 -10.28
CA PHE A 158 24.61 5.61 -11.26
C PHE A 158 23.41 4.84 -11.82
N PRO A 159 23.30 4.69 -13.14
CA PRO A 159 22.06 4.14 -13.71
C PRO A 159 21.85 2.66 -13.44
N LEU A 160 22.89 1.90 -13.14
CA LEU A 160 22.79 0.45 -12.98
C LEU A 160 22.85 0.07 -11.51
N GLN A 161 21.97 -0.85 -11.12
CA GLN A 161 21.89 -1.36 -9.76
C GLN A 161 22.08 -2.88 -9.80
N SER A 162 22.57 -3.43 -8.69
CA SER A 162 22.94 -4.83 -8.64
C SER A 162 21.87 -5.66 -7.93
N TYR A 163 21.45 -6.75 -8.57
CA TYR A 163 20.70 -7.77 -7.86
C TYR A 163 21.55 -8.37 -6.75
N GLY A 164 20.97 -8.52 -5.57
CA GLY A 164 21.62 -9.31 -4.55
C GLY A 164 21.04 -10.72 -4.54
N PHE A 165 21.72 -11.65 -5.21
CA PHE A 165 21.19 -13.00 -5.39
C PHE A 165 21.79 -13.89 -4.31
N GLN A 166 20.99 -14.19 -3.28
CA GLN A 166 21.36 -15.00 -2.15
C GLN A 166 20.54 -16.29 -2.13
N PRO A 167 21.14 -17.41 -1.75
CA PRO A 167 20.39 -18.68 -1.73
C PRO A 167 19.20 -18.67 -0.78
N THR A 168 19.24 -17.85 0.25
CA THR A 168 18.15 -17.78 1.22
C THR A 168 16.99 -16.92 0.74
N ASN A 169 17.12 -16.26 -0.41
CA ASN A 169 16.07 -15.39 -0.91
C ASN A 169 14.84 -16.18 -1.32
N GLY A 170 13.68 -15.53 -1.27
CA GLY A 170 12.46 -16.13 -1.74
C GLY A 170 12.48 -16.32 -3.25
N VAL A 171 11.47 -17.03 -3.75
CA VAL A 171 11.40 -17.35 -5.16
C VAL A 171 11.30 -16.08 -6.00
N GLY A 172 10.64 -15.04 -5.48
CA GLY A 172 10.53 -13.79 -6.20
C GLY A 172 11.83 -13.02 -6.29
N TYR A 173 12.74 -13.24 -5.35
CA TYR A 173 14.05 -12.57 -5.34
C TYR A 173 15.17 -13.47 -5.85
N GLN A 174 14.84 -14.69 -6.32
CA GLN A 174 15.85 -15.64 -6.75
C GLN A 174 16.23 -15.42 -8.22
N PRO A 175 17.46 -15.75 -8.60
CA PRO A 175 17.87 -15.55 -9.99
C PRO A 175 17.18 -16.54 -10.92
N TYR A 176 16.86 -16.05 -12.12
CA TYR A 176 16.25 -16.86 -13.17
C TYR A 176 16.95 -16.56 -14.48
N ARG A 177 17.39 -17.60 -15.18
CA ARG A 177 18.01 -17.47 -16.48
C ARG A 177 16.93 -17.51 -17.56
N VAL A 178 16.98 -16.55 -18.49
CA VAL A 178 15.96 -16.36 -19.50
C VAL A 178 16.62 -16.34 -20.87
N VAL A 179 16.07 -17.13 -21.79
CA VAL A 179 16.46 -17.15 -23.20
C VAL A 179 15.22 -16.88 -24.04
N VAL A 180 15.32 -15.86 -24.90
CA VAL A 180 14.24 -15.48 -25.81
C VAL A 180 14.70 -15.80 -27.22
N LEU A 181 13.96 -16.66 -27.90
CA LEU A 181 14.22 -17.02 -29.28
C LEU A 181 13.27 -16.24 -30.18
N SER A 182 13.83 -15.51 -31.14
CA SER A 182 13.06 -14.76 -32.12
C SER A 182 13.32 -15.36 -33.49
N PHE A 183 12.26 -15.65 -34.23
CA PHE A 183 12.34 -16.30 -35.54
C PHE A 183 12.07 -15.26 -36.62
N GLU A 184 13.05 -15.03 -37.49
CA GLU A 184 13.00 -13.96 -38.47
C GLU A 184 12.87 -14.55 -39.87
N LEU A 185 11.79 -14.18 -40.56
CA LEU A 185 11.55 -14.55 -41.94
C LEU A 185 11.68 -13.28 -42.79
N LEU A 186 12.60 -13.31 -43.75
CA LEU A 186 12.94 -12.17 -44.59
C LEU A 186 12.96 -12.62 -46.04
N HIS A 187 13.00 -11.65 -46.95
CA HIS A 187 13.09 -11.92 -48.39
C HIS A 187 14.54 -12.25 -48.74
N ALA A 188 14.99 -13.41 -48.23
CA ALA A 188 16.38 -13.83 -48.37
C ALA A 188 16.42 -15.34 -48.25
N PRO A 189 17.49 -15.98 -48.71
CA PRO A 189 17.60 -17.44 -48.56
C PRO A 189 17.54 -17.86 -47.10
N ALA A 190 16.66 -18.81 -46.82
CA ALA A 190 16.51 -19.33 -45.47
C ALA A 190 17.70 -20.20 -45.10
N THR A 191 18.14 -20.09 -43.84
CA THR A 191 19.31 -20.83 -43.37
C THR A 191 19.05 -21.66 -42.12
N VAL A 192 17.86 -21.57 -41.53
CA VAL A 192 17.50 -22.35 -40.34
C VAL A 192 16.26 -23.17 -40.67
N CYS A 193 16.34 -24.48 -40.43
CA CYS A 193 15.23 -25.37 -40.72
C CYS A 193 15.08 -26.46 -39.65
N GLU B 1 -3.40 6.25 -23.10
CA GLU B 1 -4.80 6.65 -22.92
C GLU B 1 -5.74 5.52 -23.30
N VAL B 2 -5.40 4.30 -22.88
CA VAL B 2 -6.21 3.13 -23.23
C VAL B 2 -7.45 3.09 -22.34
N GLN B 3 -8.61 2.91 -22.96
CA GLN B 3 -9.85 2.68 -22.24
C GLN B 3 -10.68 1.64 -22.99
N LEU B 4 -11.49 0.90 -22.24
CA LEU B 4 -12.37 -0.11 -22.82
C LEU B 4 -13.62 -0.23 -21.95
N GLN B 5 -14.78 -0.28 -22.59
CA GLN B 5 -16.05 -0.29 -21.89
C GLN B 5 -16.94 -1.41 -22.44
N GLU B 6 -17.75 -1.97 -21.56
CA GLU B 6 -18.63 -3.09 -21.89
C GLU B 6 -20.09 -2.67 -21.80
N SER B 7 -20.94 -3.37 -22.55
CA SER B 7 -22.36 -3.05 -22.58
C SER B 7 -23.13 -4.28 -23.04
N GLY B 8 -24.45 -4.24 -22.86
CA GLY B 8 -25.34 -5.27 -23.37
C GLY B 8 -25.93 -6.18 -22.31
N GLY B 9 -25.51 -6.08 -21.05
CA GLY B 9 -25.98 -6.98 -20.03
C GLY B 9 -27.39 -6.68 -19.58
N GLY B 10 -27.98 -7.66 -18.89
CA GLY B 10 -29.32 -7.51 -18.37
C GLY B 10 -29.90 -8.85 -17.97
N LEU B 11 -31.15 -8.80 -17.49
CA LEU B 11 -31.86 -10.00 -17.09
C LEU B 11 -32.51 -10.65 -18.30
N VAL B 12 -32.31 -11.96 -18.46
CA VAL B 12 -32.74 -12.71 -19.63
C VAL B 12 -33.26 -14.06 -19.18
N GLN B 13 -34.28 -14.58 -19.86
CA GLN B 13 -34.80 -15.89 -19.55
C GLN B 13 -33.81 -16.98 -20.00
N PRO B 14 -33.78 -18.12 -19.33
CA PRO B 14 -32.94 -19.23 -19.83
C PRO B 14 -33.35 -19.66 -21.23
N GLY B 15 -32.35 -20.00 -22.04
CA GLY B 15 -32.55 -20.32 -23.44
C GLY B 15 -32.61 -19.14 -24.36
N GLY B 16 -32.47 -17.91 -23.86
CA GLY B 16 -32.56 -16.72 -24.68
C GLY B 16 -31.25 -16.36 -25.35
N SER B 17 -31.22 -15.15 -25.90
CA SER B 17 -30.06 -14.64 -26.62
C SER B 17 -29.75 -13.22 -26.16
N LEU B 18 -28.47 -12.89 -26.13
CA LEU B 18 -28.01 -11.57 -25.73
C LEU B 18 -26.65 -11.32 -26.35
N ARG B 19 -26.37 -10.06 -26.66
CA ARG B 19 -25.10 -9.67 -27.27
C ARG B 19 -24.43 -8.59 -26.40
N LEU B 20 -23.18 -8.83 -26.03
CA LEU B 20 -22.40 -7.90 -25.22
C LEU B 20 -21.31 -7.28 -26.08
N SER B 21 -21.09 -5.98 -25.90
CA SER B 21 -20.20 -5.19 -26.74
C SER B 21 -19.09 -4.57 -25.90
N CYS B 22 -17.86 -4.66 -26.39
CA CYS B 22 -16.70 -4.04 -25.74
C CYS B 22 -16.11 -3.00 -26.70
N ALA B 23 -16.22 -1.73 -26.32
CA ALA B 23 -15.69 -0.63 -27.14
C ALA B 23 -14.28 -0.29 -26.68
N ALA B 24 -13.40 0.00 -27.65
CA ALA B 24 -11.98 0.15 -27.39
C ALA B 24 -11.49 1.53 -27.81
N SER B 25 -10.50 2.04 -27.07
CA SER B 25 -9.85 3.30 -27.40
C SER B 25 -8.42 3.27 -26.89
N GLY B 26 -7.59 4.14 -27.46
CA GLY B 26 -6.21 4.26 -27.06
C GLY B 26 -5.25 3.32 -27.75
N PHE B 27 -5.72 2.47 -28.65
CA PHE B 27 -4.85 1.53 -29.35
C PHE B 27 -5.52 1.12 -30.65
N THR B 28 -4.73 0.53 -31.54
CA THR B 28 -5.26 -0.02 -32.78
C THR B 28 -5.97 -1.34 -32.47
N PHE B 29 -7.29 -1.37 -32.69
CA PHE B 29 -8.08 -2.52 -32.29
C PHE B 29 -7.67 -3.78 -33.04
N SER B 30 -7.39 -3.66 -34.33
CA SER B 30 -7.04 -4.84 -35.14
C SER B 30 -5.68 -5.41 -34.74
N SER B 31 -4.79 -4.58 -34.19
CA SER B 31 -3.44 -5.04 -33.91
C SER B 31 -3.40 -6.05 -32.78
N TYR B 32 -4.25 -5.88 -31.77
CA TYR B 32 -4.18 -6.66 -30.55
C TYR B 32 -5.37 -7.63 -30.46
N ALA B 33 -5.12 -8.81 -29.93
CA ALA B 33 -6.18 -9.77 -29.66
C ALA B 33 -6.94 -9.38 -28.40
N MET B 34 -8.24 -9.63 -28.40
CA MET B 34 -9.11 -9.30 -27.28
C MET B 34 -9.85 -10.54 -26.82
N GLY B 35 -10.16 -10.59 -25.52
CA GLY B 35 -10.79 -11.75 -24.94
C GLY B 35 -11.93 -11.35 -24.03
N TRP B 36 -12.79 -12.34 -23.75
CA TRP B 36 -13.96 -12.17 -22.89
C TRP B 36 -13.77 -12.99 -21.63
N TYR B 37 -13.94 -12.35 -20.47
CA TYR B 37 -13.88 -13.03 -19.17
C TYR B 37 -15.20 -12.86 -18.45
N ARG B 38 -15.53 -13.86 -17.63
CA ARG B 38 -16.66 -13.78 -16.71
C ARG B 38 -16.15 -13.94 -15.28
N GLN B 39 -16.54 -13.02 -14.41
CA GLN B 39 -16.27 -13.14 -12.98
C GLN B 39 -17.57 -13.59 -12.32
N ALA B 40 -17.68 -14.89 -12.09
CA ALA B 40 -18.88 -15.39 -11.44
C ALA B 40 -18.87 -15.03 -9.96
N PRO B 41 -20.03 -14.71 -9.38
CA PRO B 41 -20.07 -14.39 -7.94
C PRO B 41 -19.83 -15.64 -7.12
N GLY B 42 -18.78 -15.60 -6.29
CA GLY B 42 -18.41 -16.72 -5.45
C GLY B 42 -17.38 -17.65 -6.04
N LYS B 43 -16.96 -17.46 -7.29
CA LYS B 43 -15.85 -18.21 -7.87
C LYS B 43 -14.77 -17.24 -8.34
N GLU B 44 -13.80 -17.82 -9.04
CA GLU B 44 -12.80 -17.06 -9.76
C GLU B 44 -13.30 -16.67 -11.15
N ARG B 45 -12.69 -15.62 -11.69
CA ARG B 45 -12.96 -15.24 -13.07
C ARG B 45 -12.49 -16.32 -14.02
N GLU B 46 -13.34 -16.64 -15.00
CA GLU B 46 -13.06 -17.69 -15.97
C GLU B 46 -12.98 -17.12 -17.37
N TRP B 47 -11.98 -17.56 -18.13
CA TRP B 47 -11.82 -17.13 -19.51
C TRP B 47 -12.90 -17.74 -20.37
N VAL B 48 -13.70 -16.89 -21.02
CA VAL B 48 -14.77 -17.35 -21.89
C VAL B 48 -14.27 -17.60 -23.31
N CYS B 49 -13.63 -16.59 -23.89
CA CYS B 49 -13.24 -16.61 -25.28
C CYS B 49 -12.16 -15.58 -25.51
N ALA B 50 -11.53 -15.67 -26.67
CA ALA B 50 -10.61 -14.64 -27.15
C ALA B 50 -10.49 -14.80 -28.66
N ILE B 51 -10.30 -13.68 -29.35
CA ILE B 51 -10.29 -13.65 -30.81
C ILE B 51 -9.05 -12.91 -31.27
N SER B 52 -8.45 -13.41 -32.35
CA SER B 52 -7.34 -12.72 -32.98
C SER B 52 -7.82 -11.43 -33.64
N GLY B 53 -6.88 -10.49 -33.82
CA GLY B 53 -7.23 -9.23 -34.45
C GLY B 53 -7.81 -9.41 -35.84
N SER B 54 -7.28 -10.37 -36.60
CA SER B 54 -7.85 -10.68 -37.90
C SER B 54 -9.24 -11.29 -37.77
N GLY B 55 -9.52 -11.96 -36.66
CA GLY B 55 -10.74 -12.71 -36.50
C GLY B 55 -10.70 -14.11 -37.05
N GLY B 56 -9.60 -14.51 -37.68
CA GLY B 56 -9.50 -15.85 -38.22
C GLY B 56 -9.44 -16.93 -37.14
N SER B 57 -8.73 -16.65 -36.05
CA SER B 57 -8.57 -17.60 -34.96
C SER B 57 -9.36 -17.13 -33.76
N THR B 58 -10.31 -17.95 -33.32
CA THR B 58 -11.07 -17.71 -32.10
C THR B 58 -11.05 -18.95 -31.23
N TYR B 59 -10.86 -18.75 -29.94
CA TYR B 59 -10.77 -19.84 -28.97
C TYR B 59 -11.89 -19.69 -27.95
N TYR B 60 -12.59 -20.78 -27.67
CA TYR B 60 -13.72 -20.78 -26.76
C TYR B 60 -13.50 -21.79 -25.63
N ALA B 61 -13.98 -21.44 -24.45
CA ALA B 61 -14.00 -22.39 -23.35
C ALA B 61 -15.03 -23.49 -23.63
N ASP B 62 -14.75 -24.69 -23.13
CA ASP B 62 -15.66 -25.81 -23.33
C ASP B 62 -17.01 -25.57 -22.67
N SER B 63 -17.07 -24.70 -21.66
CA SER B 63 -18.34 -24.41 -20.99
C SER B 63 -19.32 -23.73 -21.94
N VAL B 64 -18.82 -22.83 -22.80
CA VAL B 64 -19.66 -21.98 -23.63
C VAL B 64 -19.64 -22.37 -25.09
N LYS B 65 -18.92 -23.43 -25.46
CA LYS B 65 -18.79 -23.80 -26.87
C LYS B 65 -20.13 -24.22 -27.45
N GLY B 66 -20.35 -23.86 -28.72
CA GLY B 66 -21.57 -24.21 -29.41
C GLY B 66 -22.76 -23.35 -29.08
N ARG B 67 -22.62 -22.42 -28.15
CA ARG B 67 -23.71 -21.52 -27.74
C ARG B 67 -23.32 -20.06 -27.83
N PHE B 68 -22.05 -19.73 -27.54
CA PHE B 68 -21.58 -18.36 -27.52
C PHE B 68 -20.55 -18.16 -28.61
N THR B 69 -20.72 -17.11 -29.41
CA THR B 69 -19.82 -16.80 -30.51
C THR B 69 -19.21 -15.42 -30.26
N CYS B 70 -17.89 -15.32 -30.43
CA CYS B 70 -17.17 -14.08 -30.23
C CYS B 70 -16.79 -13.48 -31.58
N SER B 71 -17.16 -12.21 -31.79
CA SER B 71 -16.91 -11.52 -33.05
C SER B 71 -16.35 -10.14 -32.76
N ARG B 72 -15.68 -9.59 -33.76
CA ARG B 72 -15.13 -8.24 -33.66
C ARG B 72 -15.35 -7.51 -34.98
N ASP B 73 -15.71 -6.25 -34.88
CA ASP B 73 -15.79 -5.34 -36.03
C ASP B 73 -14.70 -4.30 -35.84
N ASN B 74 -13.54 -4.56 -36.44
CA ASN B 74 -12.41 -3.64 -36.30
C ASN B 74 -12.69 -2.28 -36.91
N SER B 75 -13.70 -2.18 -37.78
CA SER B 75 -14.12 -0.88 -38.28
C SER B 75 -14.64 0.00 -37.15
N LYS B 76 -15.45 -0.58 -36.25
CA LYS B 76 -16.02 0.14 -35.13
C LYS B 76 -15.21 -0.01 -33.85
N ASN B 77 -14.08 -0.71 -33.90
CA ASN B 77 -13.23 -0.94 -32.73
C ASN B 77 -14.02 -1.55 -31.57
N THR B 78 -14.79 -2.60 -31.88
CA THR B 78 -15.68 -3.21 -30.91
C THR B 78 -15.50 -4.72 -30.89
N LEU B 79 -15.73 -5.30 -29.71
CA LEU B 79 -15.66 -6.74 -29.49
C LEU B 79 -17.03 -7.23 -29.04
N TYR B 80 -17.50 -8.32 -29.67
CA TYR B 80 -18.85 -8.82 -29.43
C TYR B 80 -18.80 -10.26 -28.92
N LEU B 81 -19.66 -10.55 -27.94
CA LEU B 81 -19.89 -11.91 -27.47
C LEU B 81 -21.38 -12.22 -27.66
N GLN B 82 -21.69 -13.05 -28.65
CA GLN B 82 -23.08 -13.40 -28.96
C GLN B 82 -23.51 -14.50 -28.01
N MET B 83 -24.15 -14.11 -26.92
CA MET B 83 -24.63 -15.03 -25.90
C MET B 83 -26.00 -15.56 -26.33
N ASN B 84 -26.03 -16.76 -26.87
CA ASN B 84 -27.26 -17.39 -27.31
C ASN B 84 -27.39 -18.77 -26.69
N SER B 85 -28.62 -19.29 -26.67
CA SER B 85 -28.95 -20.53 -25.98
C SER B 85 -28.50 -20.45 -24.52
N LEU B 86 -28.84 -19.34 -23.87
CA LEU B 86 -28.32 -19.01 -22.56
C LEU B 86 -28.81 -19.99 -21.50
N LYS B 87 -28.04 -20.12 -20.44
CA LYS B 87 -28.33 -20.98 -19.30
C LYS B 87 -28.10 -20.23 -18.01
N PRO B 88 -28.77 -20.64 -16.92
CA PRO B 88 -28.52 -20.01 -15.62
C PRO B 88 -27.09 -20.14 -15.12
N GLU B 89 -26.33 -21.12 -15.58
CA GLU B 89 -24.91 -21.17 -15.22
C GLU B 89 -24.11 -20.02 -15.84
N ASP B 90 -24.69 -19.31 -16.80
CA ASP B 90 -24.02 -18.23 -17.50
C ASP B 90 -24.31 -16.85 -16.87
N THR B 91 -24.87 -16.80 -15.66
CA THR B 91 -25.07 -15.54 -14.94
C THR B 91 -23.77 -15.11 -14.29
N ALA B 92 -23.22 -13.99 -14.75
CA ALA B 92 -22.04 -13.37 -14.13
C ALA B 92 -21.88 -11.98 -14.73
N VAL B 93 -20.95 -11.23 -14.16
CA VAL B 93 -20.51 -9.98 -14.75
C VAL B 93 -19.40 -10.30 -15.74
N TYR B 94 -19.53 -9.80 -16.96
CA TYR B 94 -18.61 -10.14 -18.04
C TYR B 94 -17.68 -8.97 -18.32
N TYR B 95 -16.42 -9.29 -18.64
CA TYR B 95 -15.40 -8.29 -18.87
C TYR B 95 -14.60 -8.62 -20.13
N CYS B 96 -14.07 -7.57 -20.74
CA CYS B 96 -13.21 -7.68 -21.91
C CYS B 96 -11.84 -7.12 -21.58
N ALA B 97 -10.81 -7.62 -22.27
CA ALA B 97 -9.46 -7.17 -22.03
C ALA B 97 -8.62 -7.41 -23.28
N ARG B 98 -7.50 -6.70 -23.36
CA ARG B 98 -6.52 -6.89 -24.41
C ARG B 98 -5.50 -7.93 -23.96
N GLY B 99 -4.95 -8.66 -24.93
CA GLY B 99 -4.01 -9.69 -24.55
C GLY B 99 -3.33 -10.34 -25.73
N SER B 100 -2.49 -11.31 -25.41
CA SER B 100 -1.67 -12.02 -26.39
C SER B 100 -1.88 -13.52 -26.25
N PHE B 101 -2.12 -14.20 -27.37
CA PHE B 101 -2.17 -15.65 -27.37
C PHE B 101 -0.77 -16.23 -27.21
N TYR B 102 -0.66 -17.31 -26.43
CA TYR B 102 0.61 -18.00 -26.26
C TYR B 102 0.40 -19.51 -26.35
N TYR B 103 1.42 -20.20 -26.84
CA TYR B 103 1.41 -21.64 -26.96
C TYR B 103 2.30 -22.26 -25.89
N THR B 104 1.84 -23.35 -25.29
CA THR B 104 2.56 -24.02 -24.21
C THR B 104 3.46 -25.11 -24.77
N TYR B 105 3.98 -25.98 -23.90
CA TYR B 105 4.95 -26.99 -24.31
C TYR B 105 4.37 -27.94 -25.36
N GLY B 106 3.13 -28.36 -25.17
CA GLY B 106 2.50 -29.33 -26.05
C GLY B 106 1.70 -28.75 -27.19
N GLY B 107 1.74 -27.43 -27.41
CA GLY B 107 0.92 -26.79 -28.40
C GLY B 107 -0.39 -26.26 -27.88
N SER B 108 -0.66 -26.38 -26.58
CA SER B 108 -1.85 -25.81 -25.99
C SER B 108 -1.79 -24.29 -26.07
N VAL B 109 -2.95 -23.65 -26.13
CA VAL B 109 -3.07 -22.22 -26.36
C VAL B 109 -3.63 -21.56 -25.10
N GLY B 110 -2.97 -20.49 -24.66
CA GLY B 110 -3.46 -19.69 -23.55
C GLY B 110 -3.53 -18.24 -23.94
N PHE B 111 -4.28 -17.48 -23.14
CA PHE B 111 -4.50 -16.06 -23.37
C PHE B 111 -4.05 -15.29 -22.14
N ASP B 112 -3.08 -14.39 -22.33
CA ASP B 112 -2.54 -13.55 -21.27
C ASP B 112 -2.99 -12.12 -21.49
N ALA B 113 -3.65 -11.54 -20.49
CA ALA B 113 -4.32 -10.26 -20.64
C ALA B 113 -3.48 -9.13 -20.07
N PHE B 114 -3.47 -8.00 -20.79
CA PHE B 114 -2.90 -6.78 -20.24
C PHE B 114 -3.83 -6.23 -19.16
N ASP B 115 -3.25 -5.79 -18.05
CA ASP B 115 -4.05 -5.48 -16.87
C ASP B 115 -5.00 -4.31 -17.14
N TYR B 116 -6.28 -4.53 -16.85
CA TYR B 116 -7.33 -3.53 -16.99
C TYR B 116 -8.61 -4.09 -16.40
N TRP B 117 -9.53 -3.20 -16.05
CA TRP B 117 -10.83 -3.59 -15.55
C TRP B 117 -11.86 -2.54 -15.93
N GLY B 118 -13.11 -2.97 -16.10
CA GLY B 118 -14.18 -2.06 -16.47
C GLY B 118 -15.47 -2.35 -15.74
N GLN B 119 -16.06 -1.32 -15.15
CA GLN B 119 -17.33 -1.47 -14.46
C GLN B 119 -18.41 -1.92 -15.44
N GLY B 120 -19.20 -2.91 -15.02
CA GLY B 120 -20.22 -3.47 -15.89
C GLY B 120 -21.45 -3.88 -15.10
N THR B 121 -22.58 -3.92 -15.81
CA THR B 121 -23.81 -4.42 -15.25
C THR B 121 -23.85 -5.94 -15.39
N GLN B 122 -24.22 -6.62 -14.32
CA GLN B 122 -24.21 -8.07 -14.31
C GLN B 122 -25.16 -8.63 -15.36
N VAL B 123 -24.72 -9.67 -16.06
CA VAL B 123 -25.55 -10.38 -17.03
C VAL B 123 -26.19 -11.55 -16.28
N THR B 124 -27.50 -11.48 -16.09
CA THR B 124 -28.24 -12.46 -15.31
C THR B 124 -29.21 -13.20 -16.22
N VAL B 125 -29.17 -14.52 -16.17
CA VAL B 125 -30.10 -15.36 -16.93
C VAL B 125 -31.11 -15.93 -15.94
N SER B 126 -32.36 -15.46 -16.03
CA SER B 126 -33.40 -15.90 -15.10
C SER B 126 -34.73 -16.11 -15.81
N GLU C 1 15.42 24.28 -0.69
CA GLU C 1 15.71 23.71 -2.00
C GLU C 1 14.80 22.53 -2.32
N VAL C 2 15.06 21.39 -1.68
CA VAL C 2 14.30 20.17 -1.94
C VAL C 2 13.07 20.16 -1.04
N GLN C 3 11.90 20.06 -1.65
CA GLN C 3 10.65 20.00 -0.90
C GLN C 3 9.55 19.47 -1.79
N LEU C 4 8.51 18.93 -1.15
CA LEU C 4 7.30 18.46 -1.82
C LEU C 4 6.11 19.05 -1.08
N VAL C 5 5.38 19.96 -1.73
CA VAL C 5 4.26 20.65 -1.12
C VAL C 5 2.97 20.01 -1.62
N GLU C 6 2.18 19.47 -0.70
CA GLU C 6 0.96 18.75 -1.05
C GLU C 6 -0.27 19.59 -0.77
N SER C 7 -1.34 19.29 -1.50
CA SER C 7 -2.61 19.98 -1.33
C SER C 7 -3.71 19.15 -1.96
N GLY C 8 -4.96 19.56 -1.72
CA GLY C 8 -6.11 18.94 -2.33
C GLY C 8 -6.94 18.06 -1.42
N GLY C 9 -6.44 17.71 -0.24
CA GLY C 9 -7.21 16.88 0.68
C GLY C 9 -8.36 17.63 1.31
N GLY C 10 -9.27 16.86 1.91
CA GLY C 10 -10.42 17.47 2.56
C GLY C 10 -11.46 16.41 2.90
N LEU C 11 -12.69 16.88 3.08
CA LEU C 11 -13.82 16.04 3.46
C LEU C 11 -14.64 15.69 2.23
N ILE C 12 -14.98 14.41 2.09
CA ILE C 12 -15.69 13.92 0.91
C ILE C 12 -16.61 12.78 1.33
N GLN C 13 -17.71 12.63 0.59
CA GLN C 13 -18.66 11.57 0.82
C GLN C 13 -18.22 10.28 0.13
N PRO C 14 -18.70 9.12 0.58
CA PRO C 14 -18.39 7.88 -0.13
C PRO C 14 -18.88 7.94 -1.57
N GLY C 15 -18.07 7.39 -2.48
CA GLY C 15 -18.36 7.50 -3.89
C GLY C 15 -17.98 8.82 -4.51
N GLY C 16 -17.32 9.70 -3.78
CA GLY C 16 -16.94 11.00 -4.28
C GLY C 16 -15.62 10.98 -5.03
N SER C 17 -15.16 12.18 -5.38
CA SER C 17 -13.95 12.36 -6.16
C SER C 17 -13.07 13.43 -5.53
N LEU C 18 -11.77 13.25 -5.65
CA LEU C 18 -10.79 14.22 -5.15
C LEU C 18 -9.56 14.18 -6.03
N ARG C 19 -8.75 15.22 -5.93
CA ARG C 19 -7.50 15.30 -6.70
C ARG C 19 -6.43 15.91 -5.81
N LEU C 20 -5.45 15.09 -5.42
CA LEU C 20 -4.33 15.55 -4.62
C LEU C 20 -3.19 15.99 -5.53
N SER C 21 -2.59 17.12 -5.19
CA SER C 21 -1.47 17.67 -5.94
C SER C 21 -0.23 17.72 -5.06
N CYS C 22 0.92 17.52 -5.70
CA CYS C 22 2.22 17.51 -5.02
C CYS C 22 3.20 18.27 -5.91
N ALA C 23 3.44 19.54 -5.56
CA ALA C 23 4.39 20.36 -6.30
C ALA C 23 5.80 20.11 -5.77
N ALA C 24 6.74 19.91 -6.69
CA ALA C 24 8.11 19.54 -6.34
C ALA C 24 9.04 20.74 -6.49
N SER C 25 10.06 20.78 -5.62
CA SER C 25 11.14 21.75 -5.74
C SER C 25 12.44 21.03 -5.45
N GLY C 26 13.45 21.27 -6.27
CA GLY C 26 14.73 20.62 -6.12
C GLY C 26 14.85 19.27 -6.79
N LEU C 27 13.81 18.81 -7.49
CA LEU C 27 13.89 17.57 -8.24
C LEU C 27 12.88 17.63 -9.38
N THR C 28 13.18 16.91 -10.45
CA THR C 28 12.31 16.84 -11.61
C THR C 28 11.37 15.64 -11.46
N VAL C 29 10.07 15.91 -11.44
CA VAL C 29 9.09 14.84 -11.26
C VAL C 29 9.15 13.86 -12.42
N SER C 30 9.25 14.38 -13.65
CA SER C 30 9.25 13.52 -14.83
C SER C 30 10.47 12.60 -14.90
N SER C 31 11.53 12.90 -14.16
CA SER C 31 12.76 12.12 -14.23
C SER C 31 12.90 11.13 -13.07
N ASN C 32 11.87 10.97 -12.25
CA ASN C 32 11.96 10.16 -11.04
C ASN C 32 10.76 9.24 -10.92
N TYR C 33 10.96 8.17 -10.14
CA TYR C 33 9.82 7.40 -9.63
C TYR C 33 9.10 8.24 -8.59
N MET C 34 7.82 8.51 -8.82
CA MET C 34 7.02 9.31 -7.89
C MET C 34 5.91 8.44 -7.31
N SER C 35 5.85 8.38 -5.98
CA SER C 35 4.95 7.46 -5.30
C SER C 35 4.00 8.21 -4.37
N TRP C 36 2.80 7.66 -4.23
CA TRP C 36 1.83 8.07 -3.23
C TRP C 36 1.69 6.96 -2.21
N VAL C 37 1.83 7.31 -0.93
CA VAL C 37 1.74 6.38 0.19
C VAL C 37 0.80 6.97 1.23
N ARG C 38 -0.17 6.18 1.71
CA ARG C 38 -1.14 6.69 2.66
C ARG C 38 -0.94 6.05 4.03
N GLN C 39 -1.49 6.72 5.05
CA GLN C 39 -1.41 6.28 6.43
C GLN C 39 -2.76 6.53 7.10
N ALA C 40 -3.44 5.47 7.50
CA ALA C 40 -4.71 5.59 8.19
C ALA C 40 -4.48 6.09 9.61
N PRO C 41 -5.49 6.73 10.21
CA PRO C 41 -5.33 7.23 11.59
C PRO C 41 -5.00 6.11 12.56
N GLY C 42 -3.85 6.24 13.23
CA GLY C 42 -3.41 5.24 14.19
C GLY C 42 -2.85 3.98 13.59
N LYS C 43 -2.65 3.92 12.28
CA LYS C 43 -2.15 2.74 11.59
C LYS C 43 -0.82 3.04 10.92
N GLY C 44 -0.29 2.04 10.22
CA GLY C 44 0.99 2.14 9.55
C GLY C 44 0.87 2.75 8.17
N LEU C 45 1.93 2.58 7.39
CA LEU C 45 2.02 3.15 6.05
C LEU C 45 1.72 2.08 5.01
N GLU C 46 1.06 2.49 3.92
CA GLU C 46 0.68 1.58 2.86
C GLU C 46 0.94 2.26 1.51
N TRP C 47 1.67 1.56 0.63
CA TRP C 47 1.91 2.09 -0.70
C TRP C 47 0.60 2.16 -1.48
N VAL C 48 0.38 3.29 -2.15
CA VAL C 48 -0.82 3.51 -2.93
C VAL C 48 -0.53 3.41 -4.43
N SER C 49 0.42 4.22 -4.92
CA SER C 49 0.64 4.25 -6.36
C SER C 49 2.06 4.70 -6.67
N VAL C 50 2.49 4.44 -7.90
CA VAL C 50 3.80 4.88 -8.37
C VAL C 50 3.71 5.17 -9.87
N ILE C 51 4.45 6.18 -10.29
CA ILE C 51 4.60 6.53 -11.71
C ILE C 51 6.08 6.59 -12.03
N TYR C 52 6.46 5.94 -13.13
CA TYR C 52 7.84 5.88 -13.59
C TYR C 52 8.19 7.10 -14.43
N SER C 53 9.49 7.31 -14.62
CA SER C 53 9.93 8.41 -15.49
C SER C 53 9.53 8.17 -16.94
N GLY C 54 9.48 6.91 -17.37
CA GLY C 54 9.06 6.57 -18.71
C GLY C 54 7.57 6.56 -18.95
N GLY C 55 6.77 6.82 -17.92
CA GLY C 55 5.33 6.88 -18.04
C GLY C 55 4.58 5.69 -17.47
N SER C 56 5.27 4.59 -17.16
CA SER C 56 4.60 3.43 -16.60
C SER C 56 4.01 3.75 -15.23
N THR C 57 2.79 3.28 -14.99
CA THR C 57 2.07 3.51 -13.75
C THR C 57 1.71 2.19 -13.11
N PHE C 58 1.74 2.15 -11.78
CA PHE C 58 1.38 0.96 -11.02
C PHE C 58 0.57 1.36 -9.80
N TYR C 59 -0.42 0.55 -9.47
CA TYR C 59 -1.36 0.84 -8.40
C TYR C 59 -1.48 -0.35 -7.47
N ALA C 60 -1.79 -0.07 -6.20
CA ALA C 60 -2.05 -1.12 -5.24
C ALA C 60 -3.39 -1.80 -5.52
N ASP C 61 -3.54 -3.02 -5.00
CA ASP C 61 -4.74 -3.81 -5.27
C ASP C 61 -6.00 -3.09 -4.79
N SER C 62 -5.93 -2.45 -3.61
CA SER C 62 -7.11 -1.82 -3.03
C SER C 62 -7.54 -0.56 -3.76
N VAL C 63 -6.75 -0.05 -4.69
CA VAL C 63 -7.06 1.21 -5.38
C VAL C 63 -7.09 1.06 -6.89
N LYS C 64 -6.92 -0.15 -7.42
CA LYS C 64 -6.92 -0.33 -8.86
C LYS C 64 -8.30 -0.04 -9.45
N GLY C 65 -8.31 0.68 -10.57
CA GLY C 65 -9.55 1.05 -11.23
C GLY C 65 -10.22 2.28 -10.66
N ARG C 66 -9.83 2.73 -9.48
CA ARG C 66 -10.40 3.91 -8.85
C ARG C 66 -9.44 5.08 -8.77
N PHE C 67 -8.15 4.82 -8.61
CA PHE C 67 -7.15 5.87 -8.50
C PHE C 67 -6.37 5.99 -9.81
N THR C 68 -5.88 7.19 -10.07
CA THR C 68 -5.10 7.46 -11.29
C THR C 68 -3.95 8.38 -10.95
N ILE C 69 -2.73 7.94 -11.20
CA ILE C 69 -1.53 8.76 -11.01
C ILE C 69 -1.26 9.50 -12.31
N SER C 70 -0.73 10.72 -12.20
CA SER C 70 -0.43 11.54 -13.36
C SER C 70 0.59 12.59 -12.96
N ARG C 71 1.06 13.35 -13.96
CA ARG C 71 2.03 14.40 -13.69
C ARG C 71 1.95 15.46 -14.77
N ASP C 72 2.32 16.69 -14.38
CA ASP C 72 2.50 17.80 -15.30
C ASP C 72 3.96 18.21 -15.25
N ASN C 73 4.64 18.11 -16.40
CA ASN C 73 6.07 18.38 -16.45
C ASN C 73 6.36 19.88 -16.42
N SER C 74 5.51 20.69 -17.07
CA SER C 74 5.71 22.13 -17.05
C SER C 74 5.58 22.69 -15.64
N LYS C 75 4.61 22.21 -14.88
CA LYS C 75 4.43 22.62 -13.49
C LYS C 75 5.25 21.78 -12.52
N ASN C 76 5.89 20.71 -12.99
CA ASN C 76 6.69 19.82 -12.14
C ASN C 76 5.86 19.31 -10.97
N THR C 77 4.63 18.89 -11.27
CA THR C 77 3.66 18.56 -10.23
C THR C 77 3.12 17.15 -10.43
N LEU C 78 3.11 16.37 -9.36
CA LEU C 78 2.48 15.05 -9.34
C LEU C 78 1.00 15.20 -8.96
N TYR C 79 0.17 14.32 -9.52
CA TYR C 79 -1.26 14.36 -9.30
C TYR C 79 -1.78 12.95 -9.01
N LEU C 80 -2.72 12.87 -8.07
CA LEU C 80 -3.41 11.63 -7.75
C LEU C 80 -4.92 11.90 -7.78
N GLN C 81 -5.59 11.37 -8.79
CA GLN C 81 -7.04 11.50 -8.92
C GLN C 81 -7.69 10.29 -8.25
N MET C 82 -8.44 10.53 -7.19
CA MET C 82 -9.08 9.48 -6.40
C MET C 82 -10.58 9.51 -6.69
N ASN C 83 -11.06 8.48 -7.38
CA ASN C 83 -12.47 8.32 -7.73
C ASN C 83 -13.03 7.12 -6.98
N SER C 84 -14.37 7.06 -6.92
CA SER C 84 -15.08 5.98 -6.25
C SER C 84 -14.59 5.81 -4.81
N LEU C 85 -14.47 6.93 -4.11
CA LEU C 85 -13.86 6.93 -2.79
C LEU C 85 -14.74 6.20 -1.78
N ARG C 86 -14.09 5.45 -0.90
CA ARG C 86 -14.76 4.70 0.16
C ARG C 86 -14.18 5.12 1.51
N ALA C 87 -14.88 4.71 2.57
CA ALA C 87 -14.49 5.13 3.92
C ALA C 87 -13.12 4.58 4.30
N GLU C 88 -12.76 3.38 3.82
CA GLU C 88 -11.46 2.81 4.12
C GLU C 88 -10.32 3.56 3.45
N ASP C 89 -10.61 4.47 2.52
CA ASP C 89 -9.59 5.31 1.91
C ASP C 89 -9.25 6.54 2.74
N THR C 90 -9.94 6.75 3.86
CA THR C 90 -9.66 7.88 4.73
C THR C 90 -8.27 7.74 5.35
N ALA C 91 -7.40 8.71 5.08
CA ALA C 91 -6.01 8.61 5.53
C ALA C 91 -5.30 9.92 5.24
N VAL C 92 -4.08 10.04 5.77
CA VAL C 92 -3.17 11.10 5.37
C VAL C 92 -2.32 10.57 4.23
N TYR C 93 -2.35 11.27 3.10
CA TYR C 93 -1.65 10.85 1.90
C TYR C 93 -0.37 11.67 1.74
N TYR C 94 0.73 10.98 1.47
CA TYR C 94 2.05 11.58 1.27
C TYR C 94 2.51 11.30 -0.14
N CYS C 95 3.12 12.31 -0.77
CA CYS C 95 3.85 12.13 -2.02
C CYS C 95 5.33 12.04 -1.69
N ALA C 96 6.01 11.08 -2.31
CA ALA C 96 7.42 10.83 -2.05
C ALA C 96 8.13 10.50 -3.34
N ARG C 97 9.46 10.66 -3.30
CA ARG C 97 10.32 10.29 -4.42
C ARG C 97 10.97 8.95 -4.09
N ASP C 98 10.80 7.98 -4.99
CA ASP C 98 11.30 6.63 -4.79
C ASP C 98 12.62 6.44 -5.51
N LEU C 99 13.58 5.82 -4.80
CA LEU C 99 14.88 5.52 -5.37
C LEU C 99 15.18 4.03 -5.30
N ASP C 100 14.13 3.20 -5.28
CA ASP C 100 14.23 1.73 -5.29
C ASP C 100 15.06 1.30 -4.08
N VAL C 101 16.23 0.67 -4.26
CA VAL C 101 17.02 0.22 -3.13
C VAL C 101 17.47 1.38 -2.27
N TYR C 102 17.67 2.55 -2.88
CA TYR C 102 18.08 3.73 -2.13
C TYR C 102 16.94 4.32 -1.31
N GLY C 103 15.70 3.84 -1.49
CA GLY C 103 14.60 4.17 -0.61
C GLY C 103 13.87 5.44 -1.00
N LEU C 104 12.80 5.72 -0.25
CA LEU C 104 12.02 6.94 -0.39
C LEU C 104 12.66 8.01 0.49
N ASP C 105 13.36 8.96 -0.12
CA ASP C 105 14.15 9.94 0.62
C ASP C 105 13.46 11.28 0.82
N VAL C 106 12.70 11.76 -0.17
CA VAL C 106 12.03 13.05 -0.09
C VAL C 106 10.54 12.79 0.04
N TRP C 107 9.94 13.33 1.11
CA TRP C 107 8.54 13.18 1.42
C TRP C 107 7.87 14.54 1.52
N GLY C 108 6.57 14.56 1.24
CA GLY C 108 5.77 15.75 1.46
C GLY C 108 5.20 15.81 2.86
N GLN C 109 4.63 16.97 3.20
CA GLN C 109 4.02 17.13 4.52
C GLN C 109 2.77 16.26 4.68
N GLY C 110 2.12 15.88 3.59
CA GLY C 110 0.92 15.07 3.64
C GLY C 110 -0.34 15.91 3.68
N THR C 111 -1.39 15.37 3.09
CA THR C 111 -2.70 16.00 3.11
C THR C 111 -3.73 14.99 3.59
N THR C 112 -4.67 15.45 4.42
CA THR C 112 -5.66 14.58 5.02
C THR C 112 -6.86 14.44 4.11
N VAL C 113 -7.29 13.21 3.87
CA VAL C 113 -8.49 12.91 3.09
C VAL C 113 -9.42 12.11 3.99
N THR C 114 -10.56 12.71 4.34
CA THR C 114 -11.59 12.05 5.13
C THR C 114 -12.75 11.70 4.22
N VAL C 115 -13.14 10.43 4.24
CA VAL C 115 -14.26 9.93 3.45
C VAL C 115 -15.30 9.42 4.43
N SER C 116 -16.41 10.14 4.53
CA SER C 116 -17.46 9.78 5.48
C SER C 116 -18.79 10.30 4.97
N SER C 117 -19.85 9.52 5.19
CA SER C 117 -21.21 9.95 4.89
C SER C 117 -21.79 10.81 6.01
N ALA C 118 -21.06 10.98 7.11
CA ALA C 118 -21.54 11.77 8.23
C ALA C 118 -21.66 13.24 7.83
N SER C 119 -22.50 13.95 8.57
CA SER C 119 -22.75 15.36 8.34
C SER C 119 -21.99 16.21 9.35
N THR C 120 -21.64 17.44 8.93
CA THR C 120 -20.95 18.36 9.80
C THR C 120 -21.83 18.72 11.00
N LYS C 121 -21.41 18.31 12.19
CA LYS C 121 -22.20 18.51 13.40
C LYS C 121 -21.40 19.30 14.42
N GLY C 122 -22.08 20.17 15.15
CA GLY C 122 -21.49 20.88 16.25
C GLY C 122 -21.45 20.02 17.50
N PRO C 123 -20.38 20.14 18.28
CA PRO C 123 -20.24 19.31 19.48
C PRO C 123 -21.24 19.68 20.55
N SER C 124 -21.54 18.70 21.40
CA SER C 124 -22.32 18.90 22.62
C SER C 124 -21.36 18.80 23.80
N VAL C 125 -21.37 19.82 24.66
CA VAL C 125 -20.44 19.91 25.78
C VAL C 125 -21.20 19.58 27.06
N PHE C 126 -20.67 18.61 27.81
CA PHE C 126 -21.30 18.16 29.04
C PHE C 126 -20.30 18.20 30.18
N PRO C 127 -20.77 18.42 31.41
CA PRO C 127 -19.82 18.57 32.54
C PRO C 127 -19.42 17.27 33.19
N LEU C 128 -18.11 17.05 33.34
CA LEU C 128 -17.57 16.01 34.21
C LEU C 128 -17.28 16.69 35.54
N ALA C 129 -18.34 16.77 36.37
CA ALA C 129 -18.34 17.58 37.57
C ALA C 129 -17.51 16.92 38.68
N PRO C 130 -16.84 17.73 39.51
CA PRO C 130 -16.16 17.17 40.68
C PRO C 130 -17.17 16.61 41.67
N SER C 131 -16.77 15.53 42.33
CA SER C 131 -17.61 14.89 43.34
C SER C 131 -16.81 14.63 44.61
N SER C 132 -17.40 13.90 45.55
CA SER C 132 -16.66 13.51 46.75
C SER C 132 -15.47 12.62 46.40
N LYS C 133 -15.65 11.72 45.44
CA LYS C 133 -14.56 10.86 44.98
C LYS C 133 -14.48 10.86 43.45
N SER C 136 -10.79 16.98 51.41
CA SER C 136 -9.77 17.81 52.04
C SER C 136 -9.04 18.66 51.01
N GLY C 137 -7.73 18.80 51.18
CA GLY C 137 -6.89 19.53 50.25
C GLY C 137 -6.29 18.70 49.14
N GLY C 138 -6.64 17.42 49.05
CA GLY C 138 -6.09 16.57 48.02
C GLY C 138 -6.59 16.95 46.64
N THR C 139 -5.90 16.43 45.63
CA THR C 139 -6.21 16.78 44.25
C THR C 139 -7.58 16.25 43.85
N ALA C 140 -8.34 17.07 43.12
CA ALA C 140 -9.66 16.72 42.62
C ALA C 140 -9.71 16.96 41.12
N ALA C 141 -10.41 16.09 40.40
CA ALA C 141 -10.44 16.11 38.95
C ALA C 141 -11.80 16.59 38.45
N LEU C 142 -11.78 17.48 37.45
CA LEU C 142 -12.99 17.91 36.78
C LEU C 142 -12.72 17.92 35.28
N GLY C 143 -13.76 18.14 34.48
CA GLY C 143 -13.54 18.18 33.05
C GLY C 143 -14.81 18.43 32.25
N CYS C 144 -14.65 18.28 30.95
CA CYS C 144 -15.71 18.45 29.96
C CYS C 144 -15.68 17.29 28.97
N LEU C 145 -16.88 16.86 28.57
CA LEU C 145 -17.07 15.83 27.55
C LEU C 145 -17.58 16.50 26.29
N VAL C 146 -16.84 16.37 25.21
CA VAL C 146 -17.16 16.96 23.92
C VAL C 146 -17.66 15.81 23.03
N LYS C 147 -18.98 15.71 22.86
CA LYS C 147 -19.59 14.53 22.28
C LYS C 147 -20.27 14.85 20.95
N ASP C 148 -20.18 13.91 20.02
CA ASP C 148 -20.94 13.90 18.77
C ASP C 148 -20.67 15.17 17.94
N TYR C 149 -19.43 15.25 17.46
CA TYR C 149 -19.05 16.32 16.55
C TYR C 149 -18.35 15.74 15.32
N PHE C 150 -18.50 16.43 14.20
CA PHE C 150 -17.88 16.07 12.93
C PHE C 150 -17.86 17.32 12.07
N PRO C 151 -16.77 17.57 11.31
CA PRO C 151 -15.54 16.78 11.29
C PRO C 151 -14.55 17.26 12.34
N GLU C 152 -13.45 16.53 12.50
CA GLU C 152 -12.35 17.01 13.32
C GLU C 152 -11.69 18.21 12.63
N PRO C 153 -11.01 19.08 13.40
CA PRO C 153 -10.72 19.01 14.83
C PRO C 153 -11.59 19.91 15.71
N VAL C 154 -11.38 19.79 17.02
CA VAL C 154 -11.94 20.72 18.01
C VAL C 154 -10.78 21.21 18.86
N THR C 155 -10.92 22.42 19.39
CA THR C 155 -9.92 23.01 20.27
C THR C 155 -10.55 23.27 21.63
N VAL C 156 -9.89 22.78 22.68
CA VAL C 156 -10.38 22.89 24.05
C VAL C 156 -9.36 23.66 24.89
N SER C 157 -9.82 24.68 25.59
CA SER C 157 -9.00 25.46 26.51
C SER C 157 -9.73 25.57 27.84
N TRP C 158 -9.01 26.05 28.86
CA TRP C 158 -9.57 26.18 30.19
C TRP C 158 -9.38 27.61 30.69
N ASN C 159 -10.46 28.22 31.16
CA ASN C 159 -10.44 29.57 31.73
C ASN C 159 -9.82 30.57 30.75
N SER C 160 -10.22 30.47 29.48
CA SER C 160 -9.73 31.34 28.41
C SER C 160 -8.20 31.28 28.30
N GLY C 161 -7.62 30.11 28.54
CA GLY C 161 -6.20 29.92 28.45
C GLY C 161 -5.43 30.18 29.73
N ALA C 162 -6.09 30.67 30.79
CA ALA C 162 -5.39 30.94 32.03
C ALA C 162 -4.97 29.68 32.77
N LEU C 163 -5.65 28.56 32.53
CA LEU C 163 -5.35 27.29 33.20
C LEU C 163 -4.76 26.33 32.18
N THR C 164 -3.45 26.09 32.29
CA THR C 164 -2.76 25.14 31.42
C THR C 164 -2.10 23.99 32.16
N SER C 165 -1.81 24.14 33.45
CA SER C 165 -1.15 23.10 34.21
C SER C 165 -2.17 22.04 34.64
N GLY C 166 -1.81 20.77 34.48
CA GLY C 166 -2.69 19.68 34.81
C GLY C 166 -3.76 19.38 33.78
N VAL C 167 -3.77 20.08 32.66
CA VAL C 167 -4.79 19.89 31.64
C VAL C 167 -4.41 18.73 30.74
N HIS C 168 -5.32 17.79 30.57
CA HIS C 168 -5.15 16.63 29.69
C HIS C 168 -6.32 16.58 28.73
N THR C 169 -6.08 16.93 27.47
CA THR C 169 -7.10 16.86 26.43
C THR C 169 -6.86 15.58 25.63
N PHE C 170 -7.76 14.62 25.78
CA PHE C 170 -7.55 13.30 25.20
C PHE C 170 -7.79 13.32 23.69
N PRO C 171 -7.12 12.44 22.95
CA PRO C 171 -7.39 12.33 21.52
C PRO C 171 -8.82 11.86 21.26
N ALA C 172 -9.38 12.32 20.15
CA ALA C 172 -10.75 11.98 19.80
C ALA C 172 -10.88 10.54 19.37
N VAL C 173 -12.03 9.94 19.67
CA VAL C 173 -12.36 8.59 19.26
C VAL C 173 -13.52 8.65 18.28
N LEU C 174 -13.50 7.79 17.27
CA LEU C 174 -14.57 7.70 16.29
C LEU C 174 -15.59 6.69 16.76
N GLN C 175 -16.83 7.14 16.97
CA GLN C 175 -17.89 6.27 17.45
C GLN C 175 -18.56 5.55 16.27
N SER C 176 -19.42 4.58 16.61
CA SER C 176 -20.13 3.82 15.59
C SER C 176 -21.07 4.70 14.77
N SER C 177 -21.51 5.83 15.31
CA SER C 177 -22.39 6.75 14.60
C SER C 177 -21.67 7.55 13.52
N GLY C 178 -20.35 7.46 13.44
CA GLY C 178 -19.58 8.28 12.54
C GLY C 178 -19.19 9.62 13.11
N LEU C 179 -19.59 9.93 14.34
CA LEU C 179 -19.24 11.18 14.99
C LEU C 179 -18.00 10.98 15.86
N TYR C 180 -17.45 12.09 16.35
CA TYR C 180 -16.26 12.08 17.19
C TYR C 180 -16.62 12.48 18.61
N SER C 181 -15.95 11.85 19.57
CA SER C 181 -16.11 12.18 20.98
C SER C 181 -14.73 12.39 21.60
N LEU C 182 -14.69 13.18 22.67
CA LEU C 182 -13.42 13.63 23.22
C LEU C 182 -13.64 14.03 24.68
N SER C 183 -12.56 13.96 25.47
CA SER C 183 -12.58 14.32 26.87
C SER C 183 -11.46 15.29 27.17
N SER C 184 -11.76 16.29 28.01
CA SER C 184 -10.74 17.20 28.52
C SER C 184 -10.86 17.23 30.03
N VAL C 185 -9.78 16.90 30.73
CA VAL C 185 -9.80 16.85 32.19
C VAL C 185 -8.69 17.75 32.73
N VAL C 186 -8.83 18.08 34.02
CA VAL C 186 -7.77 18.81 34.71
C VAL C 186 -7.95 18.56 36.21
N THR C 187 -6.81 18.46 36.90
CA THR C 187 -6.76 18.22 38.33
C THR C 187 -6.34 19.50 39.04
N VAL C 188 -7.06 19.87 40.08
CA VAL C 188 -6.85 21.12 40.81
C VAL C 188 -6.87 20.83 42.30
N PRO C 189 -6.31 21.72 43.11
CA PRO C 189 -6.51 21.59 44.57
C PRO C 189 -7.99 21.65 44.91
N SER C 190 -8.43 20.74 45.78
CA SER C 190 -9.85 20.67 46.13
C SER C 190 -10.29 21.84 46.98
N SER C 191 -9.35 22.59 47.57
CA SER C 191 -9.72 23.77 48.34
C SER C 191 -10.28 24.88 47.46
N SER C 192 -9.97 24.88 46.17
CA SER C 192 -10.45 25.90 45.24
C SER C 192 -11.74 25.49 44.54
N LEU C 193 -12.34 24.37 44.93
CA LEU C 193 -13.59 23.95 44.30
C LEU C 193 -14.71 24.96 44.57
N GLY C 194 -14.79 25.47 45.80
CA GLY C 194 -15.80 26.45 46.16
C GLY C 194 -15.44 27.89 45.94
N THR C 195 -14.19 28.18 45.54
CA THR C 195 -13.74 29.55 45.36
C THR C 195 -13.49 29.88 43.89
N GLN C 196 -12.65 29.10 43.20
CA GLN C 196 -12.29 29.40 41.83
C GLN C 196 -13.30 28.79 40.86
N THR C 197 -13.68 29.58 39.85
CA THR C 197 -14.54 29.10 38.79
C THR C 197 -13.73 28.36 37.74
N TYR C 198 -14.34 27.35 37.14
CA TYR C 198 -13.68 26.52 36.14
C TYR C 198 -14.57 26.43 34.90
N ILE C 199 -14.09 26.98 33.79
CA ILE C 199 -14.84 27.03 32.54
C ILE C 199 -13.99 26.42 31.45
N CYS C 200 -14.57 25.46 30.71
CA CYS C 200 -13.95 24.89 29.53
C CYS C 200 -14.51 25.56 28.29
N ASN C 201 -13.63 25.96 27.39
CA ASN C 201 -13.98 26.63 26.15
C ASN C 201 -13.71 25.69 25.00
N VAL C 202 -14.75 25.37 24.22
CA VAL C 202 -14.67 24.41 23.13
C VAL C 202 -15.00 25.15 21.85
N ASN C 203 -14.10 25.08 20.86
CA ASN C 203 -14.28 25.69 19.57
C ASN C 203 -14.24 24.63 18.49
N HIS C 204 -15.28 24.58 17.66
CA HIS C 204 -15.37 23.70 16.50
C HIS C 204 -15.67 24.60 15.31
N LYS C 205 -14.61 24.99 14.60
CA LYS C 205 -14.76 25.91 13.48
C LYS C 205 -15.65 25.39 12.36
N PRO C 206 -15.56 24.12 11.92
CA PRO C 206 -16.40 23.69 10.79
C PRO C 206 -17.88 23.91 11.01
N SER C 207 -18.37 23.75 12.24
CA SER C 207 -19.75 24.05 12.56
C SER C 207 -19.95 25.44 13.12
N ASN C 208 -18.87 26.24 13.20
CA ASN C 208 -18.94 27.59 13.77
C ASN C 208 -19.52 27.56 15.18
N THR C 209 -19.10 26.56 15.96
CA THR C 209 -19.63 26.33 17.30
C THR C 209 -18.60 26.78 18.34
N LYS C 210 -19.04 27.59 19.30
CA LYS C 210 -18.20 28.01 20.41
C LYS C 210 -19.01 27.88 21.69
N VAL C 211 -18.55 27.03 22.61
CA VAL C 211 -19.29 26.73 23.82
C VAL C 211 -18.39 26.97 25.03
N ASP C 212 -18.88 27.77 25.98
CA ASP C 212 -18.20 28.01 27.25
C ASP C 212 -19.03 27.37 28.34
N LYS C 213 -18.52 26.30 28.95
CA LYS C 213 -19.25 25.54 29.95
C LYS C 213 -18.54 25.63 31.29
N ARG C 214 -19.27 26.06 32.32
CA ARG C 214 -18.71 26.17 33.66
C ARG C 214 -19.04 24.88 34.44
N VAL C 215 -17.99 24.22 34.94
CA VAL C 215 -18.14 22.95 35.62
C VAL C 215 -18.39 23.22 37.11
N GLU C 216 -19.55 22.77 37.60
CA GLU C 216 -19.98 23.00 38.98
C GLU C 216 -19.77 21.75 39.81
N PRO C 217 -19.10 21.83 40.95
CA PRO C 217 -19.10 20.69 41.89
C PRO C 217 -20.53 20.31 42.25
N LYS C 218 -20.83 19.02 42.12
CA LYS C 218 -22.19 18.54 42.33
C LYS C 218 -22.21 17.04 42.60
N ASP D 1 2.57 -14.00 -0.52
CA ASP D 1 3.22 -12.71 -0.40
C ASP D 1 4.09 -12.66 0.85
N ILE D 2 5.17 -11.87 0.78
CA ILE D 2 6.10 -11.74 1.90
C ILE D 2 5.55 -10.74 2.90
N VAL D 3 5.57 -11.11 4.19
CA VAL D 3 4.95 -10.34 5.25
C VAL D 3 6.05 -9.74 6.12
N MET D 4 5.91 -8.44 6.44
CA MET D 4 6.84 -7.74 7.31
C MET D 4 6.34 -7.78 8.75
N THR D 5 7.24 -8.10 9.69
CA THR D 5 6.93 -8.06 11.10
C THR D 5 8.01 -7.27 11.84
N GLN D 6 7.63 -6.66 12.96
CA GLN D 6 8.55 -5.84 13.73
C GLN D 6 8.46 -6.21 15.21
N SER D 7 9.62 -6.26 15.87
CA SER D 7 9.69 -6.56 17.29
C SER D 7 10.68 -5.61 17.97
N PRO D 8 10.29 -4.96 19.07
CA PRO D 8 8.94 -5.09 19.64
C PRO D 8 7.96 -4.10 19.02
N SER D 9 6.77 -3.97 19.61
CA SER D 9 5.83 -2.93 19.20
C SER D 9 5.97 -1.68 20.03
N PHE D 10 6.32 -1.81 21.30
CA PHE D 10 6.59 -0.68 22.20
C PHE D 10 7.88 -0.95 22.94
N LEU D 11 8.79 0.02 22.91
CA LEU D 11 10.08 -0.10 23.58
C LEU D 11 10.32 1.15 24.42
N SER D 12 10.72 0.94 25.67
CA SER D 12 11.01 2.03 26.60
C SER D 12 12.50 2.05 26.89
N ALA D 13 13.12 3.22 26.73
CA ALA D 13 14.53 3.39 27.00
C ALA D 13 14.81 4.83 27.38
N SER D 14 15.94 5.05 28.03
CA SER D 14 16.37 6.37 28.46
C SER D 14 17.35 6.94 27.44
N VAL D 15 17.88 8.12 27.75
CA VAL D 15 18.85 8.78 26.88
C VAL D 15 20.22 8.18 27.13
N GLY D 16 20.83 7.63 26.09
CA GLY D 16 22.18 7.09 26.15
C GLY D 16 22.27 5.58 25.99
N ASP D 17 21.16 4.86 26.14
CA ASP D 17 21.23 3.41 26.03
C ASP D 17 21.33 2.98 24.57
N ARG D 18 21.73 1.73 24.38
CA ARG D 18 21.82 1.12 23.06
C ARG D 18 20.50 0.41 22.77
N VAL D 19 19.78 0.89 21.75
CA VAL D 19 18.45 0.39 21.40
C VAL D 19 18.57 -0.43 20.13
N THR D 20 18.05 -1.66 20.16
CA THR D 20 18.07 -2.54 19.00
C THR D 20 16.65 -3.02 18.73
N ILE D 21 16.16 -2.74 17.52
CA ILE D 21 14.84 -3.19 17.10
C ILE D 21 15.00 -4.08 15.86
N THR D 22 14.12 -5.07 15.73
CA THR D 22 14.27 -6.10 14.72
C THR D 22 13.06 -6.12 13.78
N CYS D 23 13.35 -6.46 12.53
CA CYS D 23 12.35 -6.61 11.48
C CYS D 23 12.56 -7.96 10.82
N ARG D 24 11.47 -8.71 10.64
CA ARG D 24 11.52 -10.05 10.09
C ARG D 24 10.68 -10.15 8.84
N ALA D 25 11.15 -10.97 7.90
CA ALA D 25 10.49 -11.20 6.62
C ALA D 25 10.07 -12.66 6.52
N SER D 26 8.97 -12.89 5.80
CA SER D 26 8.51 -14.26 5.58
C SER D 26 9.52 -15.06 4.78
N GLN D 27 10.09 -14.46 3.74
CA GLN D 27 11.11 -15.09 2.92
C GLN D 27 12.30 -14.14 2.79
N GLY D 28 13.42 -14.70 2.34
CA GLY D 28 14.62 -13.91 2.16
C GLY D 28 14.44 -12.78 1.15
N ILE D 29 14.71 -11.55 1.59
CA ILE D 29 14.62 -10.38 0.73
C ILE D 29 16.00 -9.76 0.50
N SER D 30 17.06 -10.53 0.72
CA SER D 30 18.43 -10.06 0.55
C SER D 30 18.68 -8.82 1.39
N SER D 31 19.04 -7.71 0.74
CA SER D 31 19.29 -6.45 1.42
C SER D 31 18.28 -5.38 1.01
N TYR D 32 17.15 -5.78 0.43
CA TYR D 32 16.12 -4.84 0.00
C TYR D 32 15.26 -4.44 1.21
N LEU D 33 15.90 -3.70 2.12
CA LEU D 33 15.26 -3.28 3.35
C LEU D 33 15.63 -1.82 3.63
N ALA D 34 14.65 -1.05 4.09
CA ALA D 34 14.85 0.34 4.46
C ALA D 34 14.27 0.62 5.83
N TRP D 35 14.87 1.58 6.53
CA TRP D 35 14.43 1.98 7.85
C TRP D 35 14.08 3.47 7.83
N TYR D 36 12.86 3.79 8.25
CA TYR D 36 12.35 5.14 8.34
C TYR D 36 11.99 5.48 9.78
N GLN D 37 12.02 6.78 10.09
CA GLN D 37 11.60 7.30 11.39
C GLN D 37 10.47 8.29 11.19
N GLN D 38 9.43 8.18 12.01
CA GLN D 38 8.28 9.09 11.96
C GLN D 38 7.94 9.54 13.36
N LYS D 39 7.72 10.85 13.51
CA LYS D 39 7.23 11.51 14.70
C LYS D 39 5.78 11.92 14.51
N PRO D 40 4.99 12.04 15.59
CA PRO D 40 3.56 12.37 15.43
C PRO D 40 3.38 13.70 14.72
N GLY D 41 2.47 13.72 13.76
CA GLY D 41 2.18 14.89 12.97
C GLY D 41 3.19 15.20 11.88
N LYS D 42 4.22 14.38 11.72
CA LYS D 42 5.29 14.63 10.76
C LYS D 42 5.38 13.47 9.77
N ALA D 43 6.00 13.77 8.62
CA ALA D 43 6.22 12.77 7.58
C ALA D 43 7.38 11.85 7.97
N PRO D 44 7.40 10.63 7.44
CA PRO D 44 8.53 9.73 7.72
C PRO D 44 9.83 10.29 7.20
N LYS D 45 10.91 10.00 7.92
CA LYS D 45 12.26 10.40 7.55
C LYS D 45 13.09 9.16 7.25
N LEU D 46 13.68 9.11 6.07
CA LEU D 46 14.47 7.96 5.68
C LEU D 46 15.79 7.94 6.45
N LEU D 47 16.06 6.84 7.13
CA LEU D 47 17.30 6.65 7.88
C LEU D 47 18.27 5.70 7.18
N ILE D 48 17.81 4.50 6.84
CA ILE D 48 18.70 3.47 6.31
C ILE D 48 18.14 2.93 5.00
N TYR D 49 19.02 2.75 4.02
CA TYR D 49 18.67 2.05 2.79
C TYR D 49 19.69 0.94 2.56
N ALA D 50 19.30 -0.04 1.74
CA ALA D 50 20.09 -1.24 1.46
C ALA D 50 20.39 -2.04 2.72
N ALA D 51 19.65 -1.77 3.80
CA ALA D 51 19.64 -2.53 5.04
C ALA D 51 20.92 -2.34 5.87
N SER D 52 21.93 -1.69 5.29
CA SER D 52 23.13 -1.37 6.06
C SER D 52 23.73 -0.01 5.73
N THR D 53 23.20 0.72 4.76
CA THR D 53 23.78 1.97 4.32
C THR D 53 23.02 3.14 4.92
N LEU D 54 23.75 4.03 5.57
CA LEU D 54 23.15 5.19 6.21
C LEU D 54 22.87 6.28 5.17
N GLN D 55 21.63 6.77 5.18
CA GLN D 55 21.25 7.83 4.24
C GLN D 55 22.10 9.07 4.50
N SER D 56 22.46 9.76 3.41
CA SER D 56 23.08 11.06 3.56
C SER D 56 22.07 11.95 4.27
N GLY D 57 22.26 12.14 5.59
CA GLY D 57 21.34 12.85 6.46
C GLY D 57 20.88 12.05 7.67
N VAL D 58 21.77 11.23 8.21
CA VAL D 58 21.51 10.53 9.48
C VAL D 58 22.76 10.61 10.35
N PRO D 59 22.62 10.75 11.66
CA PRO D 59 23.78 10.66 12.54
C PRO D 59 24.36 9.25 12.59
N SER D 60 25.64 9.18 12.98
CA SER D 60 26.38 7.92 12.99
C SER D 60 25.84 6.92 13.99
N ARG D 61 25.12 7.36 15.02
CA ARG D 61 24.62 6.43 16.02
C ARG D 61 23.62 5.44 15.44
N PHE D 62 22.95 5.80 14.34
CA PHE D 62 22.07 4.87 13.66
C PHE D 62 22.88 3.88 12.85
N SER D 63 22.51 2.61 12.92
CA SER D 63 23.18 1.58 12.15
C SER D 63 22.17 0.51 11.77
N GLY D 64 22.42 -0.12 10.64
CA GLY D 64 21.55 -1.18 10.15
C GLY D 64 22.34 -2.42 9.81
N SER D 65 21.80 -3.57 10.20
CA SER D 65 22.45 -4.85 9.92
C SER D 65 21.39 -5.85 9.47
N GLY D 66 21.84 -6.87 8.74
CA GLY D 66 20.97 -7.98 8.39
C GLY D 66 20.91 -8.33 6.91
N SER D 67 20.61 -9.59 6.64
CA SER D 67 20.37 -10.08 5.29
C SER D 67 19.32 -11.18 5.36
N GLY D 68 18.60 -11.37 4.26
CA GLY D 68 17.59 -12.40 4.22
C GLY D 68 16.33 -12.06 4.99
N THR D 69 16.14 -12.72 6.14
CA THR D 69 14.88 -12.66 6.86
C THR D 69 14.95 -11.86 8.17
N GLU D 70 16.13 -11.54 8.68
CA GLU D 70 16.26 -10.84 9.95
C GLU D 70 17.09 -9.57 9.75
N PHE D 71 16.58 -8.45 10.27
CA PHE D 71 17.25 -7.16 10.16
C PHE D 71 17.16 -6.44 11.49
N THR D 72 18.17 -5.63 11.78
CA THR D 72 18.23 -4.87 13.03
C THR D 72 18.58 -3.43 12.74
N LEU D 73 17.84 -2.52 13.37
CA LEU D 73 18.20 -1.10 13.45
C LEU D 73 18.65 -0.81 14.87
N THR D 74 19.85 -0.23 14.99
CA THR D 74 20.49 -0.02 16.29
C THR D 74 20.89 1.44 16.45
N ILE D 75 20.48 2.03 17.57
CA ILE D 75 20.94 3.34 17.99
C ILE D 75 21.92 3.12 19.14
N SER D 76 23.19 3.45 18.92
CA SER D 76 24.22 3.16 19.92
C SER D 76 24.00 3.95 21.20
N SER D 77 23.65 5.23 21.07
CA SER D 77 23.38 6.09 22.21
C SER D 77 22.11 6.88 21.92
N LEU D 78 21.04 6.59 22.65
CA LEU D 78 19.76 7.24 22.39
C LEU D 78 19.84 8.73 22.70
N GLN D 79 19.13 9.52 21.91
CA GLN D 79 19.09 10.97 22.03
C GLN D 79 17.64 11.43 22.16
N PRO D 80 17.41 12.61 22.75
CA PRO D 80 16.02 13.03 23.02
C PRO D 80 15.14 13.10 21.78
N GLU D 81 15.70 13.42 20.62
CA GLU D 81 14.91 13.52 19.40
C GLU D 81 14.73 12.19 18.69
N ASP D 82 15.25 11.10 19.26
CA ASP D 82 15.09 9.77 18.69
C ASP D 82 13.83 9.04 19.17
N PHE D 83 13.12 9.60 20.14
CA PHE D 83 11.89 8.99 20.66
C PHE D 83 10.79 9.16 19.63
N ALA D 84 10.57 8.13 18.82
CA ALA D 84 9.59 8.19 17.74
C ALA D 84 9.25 6.76 17.33
N THR D 85 8.50 6.63 16.23
CA THR D 85 8.17 5.33 15.67
C THR D 85 9.11 5.01 14.52
N TYR D 86 9.52 3.75 14.43
CA TYR D 86 10.47 3.32 13.42
C TYR D 86 9.87 2.22 12.57
N TYR D 87 9.92 2.38 11.26
CA TYR D 87 9.32 1.44 10.32
C TYR D 87 10.40 0.77 9.47
N CYS D 88 10.26 -0.54 9.29
CA CYS D 88 11.04 -1.27 8.31
C CYS D 88 10.18 -1.49 7.07
N GLN D 89 10.82 -1.45 5.90
CA GLN D 89 10.12 -1.49 4.63
C GLN D 89 10.88 -2.36 3.66
N GLN D 90 10.22 -3.42 3.18
CA GLN D 90 10.78 -4.24 2.11
C GLN D 90 10.62 -3.53 0.78
N LEU D 91 11.67 -3.58 -0.03
CA LEU D 91 11.77 -2.88 -1.30
C LEU D 91 11.75 -3.87 -2.46
N ASN D 92 11.30 -3.39 -3.61
CA ASN D 92 11.36 -4.13 -4.88
C ASN D 92 10.56 -5.43 -4.77
N SER D 93 9.33 -5.31 -4.29
CA SER D 93 8.46 -6.45 -4.09
C SER D 93 7.44 -6.56 -5.21
N TYR D 94 6.59 -7.59 -5.12
CA TYR D 94 5.53 -7.84 -6.07
C TYR D 94 4.48 -8.66 -5.35
N PRO D 95 3.19 -8.33 -5.52
CA PRO D 95 2.63 -7.23 -6.32
C PRO D 95 2.89 -5.78 -5.85
N PRO D 96 2.84 -5.47 -4.55
CA PRO D 96 3.10 -4.08 -4.13
C PRO D 96 4.54 -3.68 -4.39
N LYS D 97 4.73 -2.39 -4.68
CA LYS D 97 6.08 -1.88 -4.94
C LYS D 97 6.96 -1.99 -3.72
N PHE D 98 6.44 -1.63 -2.54
CA PHE D 98 7.15 -1.82 -1.29
C PHE D 98 6.14 -2.11 -0.19
N THR D 99 6.61 -2.77 0.87
CA THR D 99 5.74 -3.18 1.96
C THR D 99 6.29 -2.68 3.29
N PHE D 100 5.48 -1.93 4.03
CA PHE D 100 5.90 -1.36 5.29
C PHE D 100 5.57 -2.30 6.45
N GLY D 101 6.36 -2.20 7.52
CA GLY D 101 6.17 -3.00 8.69
C GLY D 101 5.22 -2.35 9.69
N PRO D 102 4.82 -3.11 10.71
CA PRO D 102 3.89 -2.55 11.72
C PRO D 102 4.46 -1.36 12.47
N GLY D 103 5.76 -1.31 12.67
CA GLY D 103 6.38 -0.19 13.34
C GLY D 103 6.70 -0.49 14.80
N THR D 104 7.77 0.13 15.29
CA THR D 104 8.19 0.02 16.67
C THR D 104 8.26 1.41 17.28
N LYS D 105 7.58 1.59 18.41
CA LYS D 105 7.51 2.88 19.09
C LYS D 105 8.52 2.90 20.24
N VAL D 106 9.44 3.86 20.18
CA VAL D 106 10.44 4.07 21.24
C VAL D 106 9.97 5.23 22.09
N GLU D 107 9.86 5.00 23.40
CA GLU D 107 9.34 6.00 24.32
C GLU D 107 10.29 6.15 25.51
N ILE D 108 10.03 7.16 26.33
CA ILE D 108 10.90 7.50 27.44
C ILE D 108 10.61 6.59 28.61
N LYS D 109 11.66 5.97 29.16
CA LYS D 109 11.53 5.14 30.35
C LYS D 109 11.65 6.01 31.60
N ARG D 110 10.82 5.69 32.60
CA ARG D 110 10.85 6.39 33.88
C ARG D 110 10.40 5.42 34.96
N THR D 111 10.29 5.93 36.19
CA THR D 111 9.87 5.11 37.31
C THR D 111 8.40 4.74 37.18
N VAL D 112 8.05 3.59 37.75
CA VAL D 112 6.66 3.12 37.70
C VAL D 112 5.79 4.03 38.56
N ALA D 113 4.70 4.52 37.98
CA ALA D 113 3.77 5.40 38.67
C ALA D 113 2.36 4.84 38.55
N ALA D 114 1.71 4.65 39.70
CA ALA D 114 0.34 4.16 39.70
C ALA D 114 -0.61 5.28 39.27
N PRO D 115 -1.66 4.96 38.51
CA PRO D 115 -2.60 6.00 38.07
C PRO D 115 -3.48 6.48 39.21
N SER D 116 -3.98 7.71 39.04
CA SER D 116 -5.05 8.22 39.89
C SER D 116 -6.37 7.97 39.17
N VAL D 117 -7.29 7.27 39.83
CA VAL D 117 -8.50 6.78 39.21
C VAL D 117 -9.68 7.64 39.67
N PHE D 118 -10.45 8.14 38.70
CA PHE D 118 -11.64 8.93 38.98
C PHE D 118 -12.79 8.43 38.12
N ILE D 119 -14.02 8.65 38.60
CA ILE D 119 -15.21 8.23 37.88
C ILE D 119 -16.18 9.41 37.82
N PHE D 120 -16.81 9.59 36.66
CA PHE D 120 -17.74 10.68 36.43
C PHE D 120 -19.06 10.10 35.93
N PRO D 121 -20.16 10.28 36.65
CA PRO D 121 -21.46 9.80 36.20
C PRO D 121 -22.01 10.68 35.09
N PRO D 122 -23.03 10.22 34.36
CA PRO D 122 -23.62 11.07 33.32
C PRO D 122 -24.25 12.32 33.93
N SER D 123 -24.11 13.43 33.21
CA SER D 123 -24.74 14.68 33.61
C SER D 123 -26.23 14.64 33.30
N ASP D 124 -27.00 15.41 34.08
CA ASP D 124 -28.44 15.50 33.83
C ASP D 124 -28.72 16.10 32.46
N GLU D 125 -27.85 17.01 32.01
CA GLU D 125 -28.00 17.59 30.67
C GLU D 125 -27.95 16.51 29.59
N GLN D 126 -26.92 15.64 29.65
CA GLN D 126 -26.84 14.55 28.68
C GLN D 126 -27.94 13.54 28.91
N LEU D 127 -28.33 13.30 30.17
CA LEU D 127 -29.43 12.39 30.44
C LEU D 127 -30.68 12.82 29.69
N LYS D 128 -31.06 14.09 29.82
CA LYS D 128 -32.26 14.61 29.16
C LYS D 128 -32.27 14.34 27.66
N SER D 129 -31.13 14.02 27.07
CA SER D 129 -31.03 13.74 25.63
C SER D 129 -31.22 12.27 25.29
N GLY D 130 -31.46 11.42 26.28
CA GLY D 130 -31.70 10.00 26.03
C GLY D 130 -30.47 9.13 25.94
N THR D 131 -29.31 9.62 26.36
CA THR D 131 -28.08 8.84 26.34
C THR D 131 -27.30 9.13 27.63
N ALA D 132 -26.55 8.12 28.09
CA ALA D 132 -25.74 8.23 29.30
C ALA D 132 -24.31 7.84 28.98
N SER D 133 -23.36 8.65 29.43
CA SER D 133 -21.94 8.43 29.20
C SER D 133 -21.21 8.48 30.53
N VAL D 134 -20.77 7.33 31.01
CA VAL D 134 -19.95 7.23 32.21
C VAL D 134 -18.49 7.36 31.80
N VAL D 135 -17.70 8.08 32.60
CA VAL D 135 -16.30 8.34 32.25
C VAL D 135 -15.40 7.83 33.36
N CYS D 136 -14.36 7.10 32.99
CA CYS D 136 -13.33 6.66 33.91
C CYS D 136 -12.00 7.27 33.50
N LEU D 137 -11.31 7.89 34.46
CA LEU D 137 -10.07 8.61 34.19
C LEU D 137 -8.93 7.97 34.95
N LEU D 138 -7.84 7.67 34.24
CA LEU D 138 -6.59 7.18 34.78
C LEU D 138 -5.54 8.25 34.54
N ASN D 139 -5.11 8.93 35.60
CA ASN D 139 -4.27 10.11 35.46
C ASN D 139 -2.85 9.82 35.90
N ASN D 140 -1.89 10.18 35.03
CA ASN D 140 -0.46 10.27 35.36
C ASN D 140 0.08 8.93 35.85
N PHE D 141 0.10 7.98 34.92
CA PHE D 141 0.62 6.64 35.20
C PHE D 141 1.74 6.28 34.22
N TYR D 142 2.50 5.26 34.61
CA TYR D 142 3.54 4.66 33.79
C TYR D 142 3.82 3.28 34.37
N PRO D 143 3.97 2.23 33.53
CA PRO D 143 3.97 2.24 32.06
C PRO D 143 2.57 2.37 31.45
N ARG D 144 2.53 2.37 30.12
CA ARG D 144 1.27 2.58 29.41
C ARG D 144 0.30 1.42 29.59
N GLU D 145 0.81 0.20 29.71
CA GLU D 145 -0.04 -0.98 29.82
C GLU D 145 -0.95 -0.88 31.03
N ALA D 146 -2.25 -0.82 30.78
CA ALA D 146 -3.26 -0.72 31.84
C ALA D 146 -4.55 -1.34 31.36
N LYS D 147 -5.24 -2.03 32.26
CA LYS D 147 -6.50 -2.69 31.96
C LYS D 147 -7.64 -1.98 32.67
N VAL D 148 -8.68 -1.63 31.92
CA VAL D 148 -9.87 -0.97 32.45
C VAL D 148 -11.07 -1.85 32.17
N GLN D 149 -11.79 -2.22 33.22
CA GLN D 149 -12.97 -3.06 33.11
C GLN D 149 -14.18 -2.31 33.64
N TRP D 150 -15.24 -2.23 32.84
CA TRP D 150 -16.47 -1.61 33.25
C TRP D 150 -17.38 -2.65 33.90
N LYS D 151 -18.08 -2.25 34.96
CA LYS D 151 -18.99 -3.14 35.65
C LYS D 151 -20.32 -2.43 35.89
N VAL D 152 -21.40 -3.07 35.46
CA VAL D 152 -22.75 -2.57 35.68
C VAL D 152 -23.46 -3.60 36.55
N ASP D 153 -23.74 -3.23 37.80
CA ASP D 153 -24.34 -4.14 38.78
C ASP D 153 -23.53 -5.42 38.89
N ASN D 154 -22.21 -5.25 39.00
CA ASN D 154 -21.22 -6.33 39.09
C ASN D 154 -21.18 -7.20 37.84
N ALA D 155 -21.82 -6.77 36.75
CA ALA D 155 -21.77 -7.49 35.48
C ALA D 155 -20.69 -6.87 34.62
N LEU D 156 -19.75 -7.70 34.16
CA LEU D 156 -18.61 -7.20 33.39
C LEU D 156 -19.07 -6.78 32.00
N GLN D 157 -18.96 -5.50 31.69
CA GLN D 157 -19.42 -4.95 30.43
C GLN D 157 -18.35 -5.11 29.35
N SER D 158 -18.81 -5.28 28.11
CA SER D 158 -17.91 -5.42 26.97
C SER D 158 -18.68 -5.07 25.71
N GLY D 159 -18.05 -4.26 24.84
CA GLY D 159 -18.65 -3.88 23.58
C GLY D 159 -19.33 -2.53 23.56
N ASN D 160 -19.33 -1.80 24.68
CA ASN D 160 -19.96 -0.48 24.74
C ASN D 160 -19.05 0.54 25.41
N SER D 161 -17.73 0.34 25.30
CA SER D 161 -16.76 1.24 25.90
C SER D 161 -15.67 1.56 24.88
N GLN D 162 -15.16 2.79 24.96
CA GLN D 162 -14.09 3.24 24.08
C GLN D 162 -13.01 3.94 24.90
N GLU D 163 -11.76 3.65 24.58
CA GLU D 163 -10.61 4.15 25.33
C GLU D 163 -9.82 5.15 24.50
N SER D 164 -9.15 6.07 25.20
CA SER D 164 -8.30 7.07 24.57
C SER D 164 -7.11 7.35 25.46
N VAL D 165 -5.91 7.34 24.88
CA VAL D 165 -4.66 7.51 25.61
C VAL D 165 -3.93 8.73 25.07
N THR D 166 -3.44 9.57 25.98
CA THR D 166 -2.60 10.70 25.59
C THR D 166 -1.18 10.24 25.34
N GLU D 167 -0.41 11.10 24.68
CA GLU D 167 1.01 10.82 24.49
C GLU D 167 1.76 10.99 25.81
N GLN D 168 3.03 10.60 25.81
CA GLN D 168 3.86 10.78 26.99
C GLN D 168 3.96 12.27 27.31
N ASP D 169 3.66 12.62 28.56
CA ASP D 169 3.64 14.03 28.95
C ASP D 169 5.03 14.63 28.81
N SER D 170 5.08 15.86 28.32
CA SER D 170 6.36 16.53 28.07
C SER D 170 7.15 16.75 29.35
N LYS D 171 6.50 16.81 30.51
CA LYS D 171 7.18 17.09 31.76
C LYS D 171 7.56 15.82 32.51
N ASP D 172 6.57 15.01 32.88
CA ASP D 172 6.81 13.85 33.74
C ASP D 172 6.81 12.52 32.98
N SER D 173 6.62 12.55 31.66
CA SER D 173 6.65 11.34 30.83
C SER D 173 5.64 10.30 31.32
N THR D 174 4.45 10.76 31.71
CA THR D 174 3.38 9.89 32.15
C THR D 174 2.22 9.94 31.17
N TYR D 175 1.49 8.83 31.10
CA TYR D 175 0.32 8.72 30.25
C TYR D 175 -0.95 9.02 31.02
N SER D 176 -2.01 9.33 30.29
CA SER D 176 -3.35 9.48 30.84
C SER D 176 -4.33 8.77 29.94
N LEU D 177 -5.30 8.10 30.55
CA LEU D 177 -6.28 7.27 29.82
C LEU D 177 -7.68 7.67 30.22
N SER D 178 -8.59 7.63 29.24
CA SER D 178 -10.00 7.90 29.48
C SER D 178 -10.82 6.80 28.83
N SER D 179 -11.70 6.18 29.61
CA SER D 179 -12.60 5.14 29.13
C SER D 179 -14.03 5.65 29.23
N THR D 180 -14.74 5.68 28.11
CA THR D 180 -16.12 6.14 28.05
C THR D 180 -17.03 4.96 27.82
N LEU D 181 -17.97 4.74 28.74
CA LEU D 181 -18.99 3.71 28.63
C LEU D 181 -20.30 4.41 28.29
N THR D 182 -20.79 4.18 27.08
CA THR D 182 -21.99 4.85 26.57
C THR D 182 -23.12 3.85 26.45
N LEU D 183 -24.29 4.21 26.97
CA LEU D 183 -25.49 3.40 26.83
C LEU D 183 -26.69 4.33 26.75
N SER D 184 -27.87 3.74 26.60
CA SER D 184 -29.07 4.56 26.53
C SER D 184 -29.53 4.96 27.93
N LYS D 185 -30.41 5.96 27.98
CA LYS D 185 -30.95 6.41 29.26
C LYS D 185 -31.74 5.30 29.94
N ALA D 186 -32.50 4.53 29.16
CA ALA D 186 -33.30 3.45 29.75
C ALA D 186 -32.41 2.41 30.43
N ASP D 187 -31.41 1.90 29.71
CA ASP D 187 -30.51 0.92 30.31
C ASP D 187 -29.68 1.53 31.43
N TYR D 188 -29.45 2.85 31.39
CA TYR D 188 -28.74 3.50 32.48
C TYR D 188 -29.58 3.52 33.74
N GLU D 189 -30.88 3.82 33.62
CA GLU D 189 -31.77 3.87 34.77
C GLU D 189 -32.26 2.50 35.19
N LYS D 190 -32.02 1.45 34.40
CA LYS D 190 -32.37 0.10 34.80
C LYS D 190 -31.39 -0.51 35.78
N HIS D 191 -30.26 0.13 36.03
CA HIS D 191 -29.22 -0.42 36.90
C HIS D 191 -28.76 0.64 37.90
N LYS D 192 -28.10 0.18 38.96
CA LYS D 192 -27.74 1.04 40.09
C LYS D 192 -26.24 1.23 40.22
N VAL D 193 -25.47 0.13 40.33
CA VAL D 193 -24.03 0.22 40.58
C VAL D 193 -23.30 0.36 39.25
N TYR D 194 -22.43 1.37 39.16
CA TYR D 194 -21.59 1.56 37.98
C TYR D 194 -20.16 1.73 38.45
N ALA D 195 -19.29 0.80 38.07
CA ALA D 195 -17.94 0.73 38.61
C ALA D 195 -16.91 0.62 37.49
N CYS D 196 -15.71 1.10 37.79
CA CYS D 196 -14.56 1.03 36.89
C CYS D 196 -13.42 0.38 37.65
N GLU D 197 -12.89 -0.73 37.13
CA GLU D 197 -11.82 -1.48 37.76
C GLU D 197 -10.55 -1.30 36.94
N VAL D 198 -9.45 -0.97 37.63
CA VAL D 198 -8.19 -0.60 36.99
C VAL D 198 -7.10 -1.57 37.45
N THR D 199 -6.39 -2.12 36.48
CA THR D 199 -5.25 -3.01 36.74
C THR D 199 -4.01 -2.41 36.10
N HIS D 200 -2.94 -2.27 36.89
CA HIS D 200 -1.72 -1.64 36.43
C HIS D 200 -0.55 -2.18 37.24
N GLN D 201 0.66 -1.99 36.71
CA GLN D 201 1.87 -2.49 37.37
C GLN D 201 2.06 -1.82 38.73
N GLY D 202 1.81 -0.51 38.81
CA GLY D 202 2.01 0.23 40.04
C GLY D 202 0.98 -0.01 41.12
N LEU D 203 -0.10 -0.74 40.80
CA LEU D 203 -1.14 -1.06 41.76
C LEU D 203 -0.94 -2.49 42.25
N SER D 204 -0.85 -2.66 43.56
CA SER D 204 -0.71 -4.00 44.14
C SER D 204 -1.93 -4.86 43.82
N SER D 205 -3.12 -4.27 43.94
CA SER D 205 -4.38 -4.90 43.59
C SER D 205 -5.18 -3.98 42.69
N PRO D 206 -6.02 -4.52 41.81
CA PRO D 206 -6.85 -3.66 40.97
C PRO D 206 -7.74 -2.75 41.83
N VAL D 207 -7.85 -1.50 41.41
CA VAL D 207 -8.56 -0.47 42.16
C VAL D 207 -9.89 -0.19 41.47
N THR D 208 -10.97 -0.23 42.24
CA THR D 208 -12.32 -0.05 41.71
C THR D 208 -12.92 1.23 42.26
N LYS D 209 -13.44 2.08 41.36
CA LYS D 209 -14.16 3.28 41.74
C LYS D 209 -15.58 3.18 41.18
N SER D 210 -16.57 3.39 42.05
CA SER D 210 -17.95 3.14 41.67
C SER D 210 -18.84 4.29 42.12
N PHE D 211 -20.02 4.37 41.50
CA PHE D 211 -21.07 5.28 41.93
C PHE D 211 -22.42 4.59 41.81
N ASN D 212 -23.38 5.11 42.59
CA ASN D 212 -24.75 4.63 42.57
C ASN D 212 -25.63 5.71 41.97
N ARG D 213 -26.45 5.32 40.99
CA ARG D 213 -27.34 6.28 40.34
C ARG D 213 -28.31 6.87 41.35
N GLY D 214 -28.47 8.19 41.29
CA GLY D 214 -29.20 8.91 42.31
C GLY D 214 -28.37 9.38 43.47
N GLU D 215 -27.05 9.39 43.32
CA GLU D 215 -26.12 9.82 44.38
C GLU D 215 -26.32 9.02 45.66
#